data_2BC4
#
_entry.id   2BC4
#
_cell.length_a   98.068
_cell.length_b   108.420
_cell.length_c   110.207
_cell.angle_alpha   90.00
_cell.angle_beta   90.00
_cell.angle_gamma   90.00
#
_symmetry.space_group_name_H-M   'P 21 21 21'
#
loop_
_entity.id
_entity.type
_entity.pdbx_description
1 polymer 'HLA class II histocompatibility antigen, DM alpha chain'
2 polymer 'HLA class II histocompatibility antigen, DM beta chain'
3 branched beta-D-mannopyranose-(1-3)-beta-D-mannopyranose-(1-4)-2-acetamido-2-deoxy-alpha-D-glucopyranose-(1-4)-2-acetamido-2-deoxy-beta-D-glucopyranose
4 non-polymer 'CHLORIDE ION'
5 water water
#
loop_
_entity_poly.entity_id
_entity_poly.type
_entity_poly.pdbx_seq_one_letter_code
_entity_poly.pdbx_strand_id
1 'polypeptide(L)'
;VPEAPTPMWPDDLQNHTFLHTVYCQDGSPSVGLSEAYDEDQLFFFDFSQNTRVPRLPEFADWAQEQGDAPAILFDKEFCE
WMIQQIGPKLDGKIPVSRGFPIAEVFTLKPLEFGKPNTLVCFVSNLFPPMLTVNWQHHSVPVEGFGPTFVSAVDGLSFQA
FSYLNFTPEPSDIFSCIVTHEIDRYTAIAYWVPRNALPSDLLEDYKDDDDK
;
A,C
2 'polypeptide(L)'
;GGFVAHVESTCLLDDAGTPKDFTYCISFNKDLLTCWDPEENKMAPCEFGVLNSLANVLSQHLNQKDTLMQRLRNGLQNCA
THTQPFWGSLTNRTRPPSVQVAKTTPFNTREPVMLACYVWGFYPAEVTITWRKNGKLVMPHSSAHKTAQPNGDWTYQTLS
HLALTPSYGDTYTCVVEHIGAPEPILRDWTPGLSPMQTLKKPPTPPPEPET
;
B,D
#
loop_
_chem_comp.id
_chem_comp.type
_chem_comp.name
_chem_comp.formula
BMA D-saccharide, beta linking beta-D-mannopyranose 'C6 H12 O6'
CL non-polymer 'CHLORIDE ION' 'Cl -1'
NAG D-saccharide, beta linking 2-acetamido-2-deoxy-beta-D-glucopyranose 'C8 H15 N O6'
NDG D-saccharide, alpha linking 2-acetamido-2-deoxy-alpha-D-glucopyranose 'C8 H15 N O6'
#
# COMPACT_ATOMS: atom_id res chain seq x y z
N LEU A 13 54.08 17.21 22.67
CA LEU A 13 53.78 15.91 21.97
C LEU A 13 52.59 15.20 22.59
N GLN A 14 51.42 15.32 21.95
CA GLN A 14 50.22 14.67 22.44
C GLN A 14 50.14 13.22 21.95
N ASN A 15 49.40 12.41 22.70
CA ASN A 15 49.22 11.01 22.35
C ASN A 15 48.03 10.86 21.38
N HIS A 16 48.02 9.75 20.65
CA HIS A 16 46.93 9.44 19.72
C HIS A 16 46.67 7.94 19.80
N THR A 17 45.42 7.55 19.58
CA THR A 17 45.06 6.14 19.69
C THR A 17 44.79 5.40 18.39
N PHE A 18 45.45 4.26 18.24
CA PHE A 18 45.27 3.40 17.08
C PHE A 18 44.46 2.22 17.62
N LEU A 19 43.21 2.10 17.19
CA LEU A 19 42.34 1.03 17.65
C LEU A 19 42.23 -0.05 16.58
N HIS A 20 42.49 -1.29 16.97
CA HIS A 20 42.46 -2.45 16.08
C HIS A 20 41.52 -3.46 16.73
N THR A 21 40.26 -3.48 16.28
CA THR A 21 39.25 -4.35 16.86
C THR A 21 38.79 -5.55 16.04
N VAL A 22 39.14 -6.73 16.51
CA VAL A 22 38.71 -7.95 15.86
C VAL A 22 37.48 -8.36 16.67
N TYR A 23 36.36 -8.56 16.00
CA TYR A 23 35.15 -8.95 16.69
C TYR A 23 34.45 -10.03 15.87
N CYS A 24 33.64 -10.82 16.54
CA CYS A 24 32.92 -11.90 15.90
C CYS A 24 31.59 -12.06 16.63
N GLN A 25 30.63 -12.74 16.01
CA GLN A 25 29.31 -12.87 16.62
C GLN A 25 28.49 -13.98 15.98
N ASP A 26 27.37 -14.29 16.64
CA ASP A 26 26.42 -15.28 16.13
C ASP A 26 25.57 -14.47 15.18
N GLY A 27 25.84 -14.57 13.89
CA GLY A 27 25.08 -13.80 12.95
C GLY A 27 25.98 -13.24 11.86
N SER A 28 25.41 -12.42 11.00
CA SER A 28 26.18 -11.86 9.90
C SER A 28 26.43 -10.37 10.08
N PRO A 29 27.69 -9.92 9.89
CA PRO A 29 28.85 -10.75 9.54
C PRO A 29 29.33 -11.54 10.76
N SER A 30 29.75 -12.79 10.56
CA SER A 30 30.20 -13.60 11.68
C SER A 30 31.51 -13.10 12.28
N VAL A 31 32.32 -12.40 11.50
CA VAL A 31 33.58 -11.87 12.00
C VAL A 31 33.94 -10.56 11.29
N GLY A 32 34.63 -9.68 12.00
CA GLY A 32 35.03 -8.41 11.42
C GLY A 32 36.28 -7.86 12.09
N LEU A 33 36.88 -6.86 11.47
CA LEU A 33 38.06 -6.21 12.00
C LEU A 33 38.04 -4.77 11.55
N SER A 34 37.97 -3.86 12.52
CA SER A 34 37.93 -2.44 12.25
C SER A 34 39.13 -1.74 12.89
N GLU A 35 39.70 -0.77 12.20
CA GLU A 35 40.85 -0.02 12.71
C GLU A 35 40.57 1.48 12.62
N ALA A 36 40.94 2.20 13.66
CA ALA A 36 40.70 3.64 13.71
C ALA A 36 41.85 4.42 14.31
N TYR A 37 41.95 5.68 13.89
CA TYR A 37 42.95 6.61 14.38
C TYR A 37 42.08 7.60 15.15
N ASP A 38 42.24 7.64 16.45
CA ASP A 38 41.42 8.47 17.30
C ASP A 38 39.95 8.15 17.01
N GLU A 39 39.14 9.14 16.64
CA GLU A 39 37.73 8.88 16.40
C GLU A 39 37.35 8.39 14.99
N ASP A 40 38.31 8.40 14.07
CA ASP A 40 38.00 8.04 12.70
C ASP A 40 38.50 6.71 12.16
N GLN A 41 37.66 6.07 11.35
CA GLN A 41 38.00 4.76 10.80
C GLN A 41 39.04 4.84 9.69
N LEU A 42 40.08 4.02 9.82
CA LEU A 42 41.15 3.97 8.85
C LEU A 42 40.92 2.84 7.86
N PHE A 43 40.72 1.63 8.39
CA PHE A 43 40.52 0.44 7.58
C PHE A 43 39.48 -0.51 8.17
N PHE A 44 39.00 -1.42 7.33
CA PHE A 44 38.10 -2.48 7.77
C PHE A 44 38.58 -3.68 6.95
N PHE A 45 38.58 -4.87 7.57
CA PHE A 45 39.08 -6.05 6.88
C PHE A 45 37.96 -6.83 6.19
N ASP A 46 38.20 -7.22 4.94
CA ASP A 46 37.23 -8.01 4.19
C ASP A 46 37.76 -9.44 4.24
N PHE A 47 37.20 -10.27 5.11
CA PHE A 47 37.67 -11.65 5.23
C PHE A 47 37.37 -12.53 4.03
N SER A 48 36.29 -12.22 3.32
CA SER A 48 35.94 -13.00 2.14
C SER A 48 36.89 -12.66 1.01
N GLN A 49 37.54 -11.51 1.11
CA GLN A 49 38.47 -11.05 0.09
C GLN A 49 39.91 -11.08 0.59
N ASN A 50 40.11 -11.47 1.84
CA ASN A 50 41.44 -11.53 2.43
C ASN A 50 42.21 -10.22 2.26
N THR A 51 41.67 -9.11 2.75
CA THR A 51 42.37 -7.84 2.59
C THR A 51 41.81 -6.65 3.36
N ARG A 52 42.66 -5.68 3.63
CA ARG A 52 42.24 -4.46 4.31
C ARG A 52 41.64 -3.54 3.25
N VAL A 53 40.56 -2.87 3.62
CA VAL A 53 39.88 -1.95 2.73
C VAL A 53 40.01 -0.57 3.35
N PRO A 54 40.48 0.42 2.57
CA PRO A 54 40.63 1.80 3.08
C PRO A 54 39.29 2.52 3.20
N ARG A 55 39.14 3.30 4.27
CA ARG A 55 37.91 4.06 4.47
C ARG A 55 37.86 5.14 3.40
N LEU A 56 39.03 5.68 3.08
CA LEU A 56 39.17 6.75 2.09
C LEU A 56 40.21 6.37 1.02
N PRO A 57 40.03 6.86 -0.21
CA PRO A 57 40.97 6.55 -1.29
C PRO A 57 42.42 6.83 -0.88
N GLU A 58 42.64 7.97 -0.22
CA GLU A 58 43.99 8.35 0.20
C GLU A 58 44.68 7.35 1.12
N PHE A 59 43.94 6.37 1.64
CA PHE A 59 44.53 5.36 2.53
C PHE A 59 44.74 4.06 1.74
N ALA A 60 44.42 4.09 0.44
CA ALA A 60 44.55 2.89 -0.40
C ALA A 60 45.95 2.29 -0.40
N ASP A 61 46.97 3.14 -0.51
CA ASP A 61 48.34 2.68 -0.53
C ASP A 61 48.74 1.97 0.76
N TRP A 62 48.20 2.40 1.90
CA TRP A 62 48.53 1.80 3.18
C TRP A 62 47.79 0.50 3.48
N ALA A 63 46.67 0.28 2.79
CA ALA A 63 45.84 -0.90 2.99
C ALA A 63 46.43 -2.15 2.35
N GLN A 64 47.57 -2.01 1.70
CA GLN A 64 48.22 -3.14 1.03
C GLN A 64 49.16 -3.94 1.92
N GLU A 65 49.87 -3.28 2.82
CA GLU A 65 50.80 -3.97 3.69
C GLU A 65 50.11 -5.05 4.49
N GLN A 66 50.67 -6.26 4.41
CA GLN A 66 50.10 -7.41 5.09
C GLN A 66 51.15 -8.09 5.97
N GLY A 67 51.84 -7.29 6.78
CA GLY A 67 52.86 -7.84 7.65
C GLY A 67 52.32 -8.48 8.92
N ASP A 68 51.01 -8.33 9.16
CA ASP A 68 50.40 -8.90 10.37
C ASP A 68 49.30 -9.92 10.11
N ALA A 69 49.38 -10.61 8.96
CA ALA A 69 48.37 -11.62 8.64
C ALA A 69 48.25 -12.71 9.72
N PRO A 70 49.37 -13.27 10.20
CA PRO A 70 49.21 -14.30 11.23
C PRO A 70 48.52 -13.84 12.52
N ALA A 71 48.79 -12.61 12.94
CA ALA A 71 48.17 -12.07 14.14
C ALA A 71 46.66 -11.96 13.89
N ILE A 72 46.29 -11.44 12.73
CA ILE A 72 44.89 -11.31 12.38
C ILE A 72 44.24 -12.69 12.37
N LEU A 73 44.93 -13.67 11.78
CA LEU A 73 44.40 -15.03 11.73
C LEU A 73 44.24 -15.60 13.13
N PHE A 74 45.25 -15.39 13.98
CA PHE A 74 45.20 -15.89 15.34
C PHE A 74 43.99 -15.30 16.08
N ASP A 75 43.87 -13.98 16.05
CA ASP A 75 42.78 -13.30 16.73
C ASP A 75 41.42 -13.69 16.17
N LYS A 76 41.33 -13.84 14.86
CA LYS A 76 40.08 -14.21 14.20
C LYS A 76 39.59 -15.57 14.71
N GLU A 77 40.47 -16.56 14.63
CA GLU A 77 40.13 -17.91 15.06
C GLU A 77 39.81 -18.00 16.54
N PHE A 78 40.55 -17.28 17.36
CA PHE A 78 40.28 -17.32 18.79
C PHE A 78 38.90 -16.71 19.05
N CYS A 79 38.60 -15.63 18.34
CA CYS A 79 37.31 -14.97 18.48
C CYS A 79 36.18 -15.92 18.10
N GLU A 80 36.29 -16.54 16.93
CA GLU A 80 35.27 -17.46 16.46
C GLU A 80 35.16 -18.67 17.41
N TRP A 81 36.28 -19.02 18.04
CA TRP A 81 36.31 -20.14 18.98
C TRP A 81 35.42 -19.86 20.22
N MET A 82 35.44 -18.62 20.71
CA MET A 82 34.62 -18.26 21.87
C MET A 82 33.13 -18.30 21.52
N ILE A 83 32.77 -17.79 20.35
CA ILE A 83 31.35 -17.80 19.96
C ILE A 83 30.89 -19.23 19.72
N GLN A 84 31.73 -20.03 19.07
CA GLN A 84 31.40 -21.43 18.75
C GLN A 84 31.43 -22.40 19.93
N GLN A 85 32.55 -22.44 20.65
CA GLN A 85 32.69 -23.37 21.78
C GLN A 85 32.06 -22.84 23.06
N ILE A 86 32.41 -21.63 23.45
CA ILE A 86 31.84 -21.01 24.64
C ILE A 86 30.65 -20.29 24.02
N GLY A 87 29.67 -19.89 24.81
CA GLY A 87 28.54 -19.22 24.19
C GLY A 87 27.36 -20.16 24.22
N PRO A 88 27.44 -21.30 23.52
CA PRO A 88 26.30 -22.20 23.59
C PRO A 88 26.12 -22.60 25.05
N LYS A 89 27.23 -22.59 25.79
CA LYS A 89 27.22 -22.94 27.21
C LYS A 89 26.71 -21.82 28.09
N LEU A 90 26.90 -20.58 27.66
CA LEU A 90 26.43 -19.42 28.41
C LEU A 90 25.00 -19.07 28.00
N ASP A 91 24.56 -19.64 26.89
CA ASP A 91 23.23 -19.40 26.34
C ASP A 91 22.14 -19.78 27.35
N GLY A 92 21.50 -18.77 27.91
CA GLY A 92 20.46 -18.99 28.90
C GLY A 92 20.98 -18.61 30.27
N LYS A 93 22.27 -18.82 30.50
CA LYS A 93 22.91 -18.52 31.78
C LYS A 93 23.07 -17.03 32.04
N ILE A 94 23.48 -16.26 31.03
CA ILE A 94 23.64 -14.82 31.21
C ILE A 94 22.78 -14.07 30.21
N PRO A 95 22.32 -12.87 30.59
CA PRO A 95 21.49 -12.06 29.70
C PRO A 95 22.33 -11.51 28.55
N VAL A 96 21.82 -11.67 27.32
CA VAL A 96 22.52 -11.19 26.13
C VAL A 96 22.55 -9.68 26.06
N SER A 97 23.74 -9.12 25.98
CA SER A 97 23.88 -7.67 25.90
C SER A 97 23.32 -7.19 24.56
N ARG A 98 22.46 -6.18 24.61
CA ARG A 98 21.85 -5.66 23.39
C ARG A 98 21.55 -4.16 23.54
N GLY A 99 21.80 -3.40 22.47
CA GLY A 99 21.55 -1.98 22.50
C GLY A 99 20.72 -1.53 21.32
N PHE A 100 19.75 -0.67 21.56
CA PHE A 100 18.92 -0.17 20.48
C PHE A 100 19.72 0.83 19.65
N PRO A 101 19.70 0.68 18.33
CA PRO A 101 20.44 1.62 17.49
C PRO A 101 19.77 2.98 17.48
N ILE A 102 20.59 4.03 17.51
CA ILE A 102 20.09 5.38 17.49
C ILE A 102 20.57 6.00 16.18
N ALA A 103 19.63 6.42 15.34
CA ALA A 103 19.98 7.03 14.07
C ALA A 103 19.70 8.52 14.01
N GLU A 104 20.62 9.26 13.37
CA GLU A 104 20.43 10.68 13.19
C GLU A 104 20.81 10.97 11.73
N VAL A 105 20.14 11.92 11.12
CA VAL A 105 20.40 12.27 9.73
C VAL A 105 20.62 13.77 9.60
N PHE A 106 21.61 14.13 8.80
CA PHE A 106 21.95 15.53 8.60
C PHE A 106 22.73 15.70 7.28
N THR A 107 22.77 16.92 6.77
CA THR A 107 23.51 17.16 5.53
C THR A 107 24.99 17.34 5.81
N LEU A 108 25.81 16.90 4.87
CA LEU A 108 27.26 17.00 5.00
C LEU A 108 27.67 18.48 4.98
N LYS A 109 26.98 19.25 4.15
CA LYS A 109 27.23 20.68 4.01
C LYS A 109 25.96 21.47 4.30
N PRO A 110 26.09 22.78 4.59
CA PRO A 110 24.92 23.61 4.88
C PRO A 110 23.90 23.52 3.74
N LEU A 111 22.61 23.51 4.09
CA LEU A 111 21.56 23.42 3.10
C LEU A 111 21.48 24.60 2.12
N GLU A 112 21.44 24.28 0.84
CA GLU A 112 21.30 25.28 -0.21
C GLU A 112 20.54 24.61 -1.33
N PHE A 113 19.28 25.01 -1.49
CA PHE A 113 18.41 24.45 -2.50
C PHE A 113 19.02 24.49 -3.90
N GLY A 114 18.78 23.43 -4.66
CA GLY A 114 19.30 23.35 -6.01
C GLY A 114 20.78 23.05 -6.10
N LYS A 115 21.45 22.98 -4.95
CA LYS A 115 22.88 22.69 -4.94
C LYS A 115 23.19 21.28 -4.43
N PRO A 116 24.10 20.56 -5.11
CA PRO A 116 24.47 19.20 -4.71
C PRO A 116 24.93 19.13 -3.26
N ASN A 117 24.41 18.15 -2.53
CA ASN A 117 24.75 17.95 -1.13
C ASN A 117 24.75 16.45 -0.87
N THR A 118 24.87 16.06 0.39
CA THR A 118 24.88 14.65 0.74
C THR A 118 24.28 14.48 2.13
N LEU A 119 23.34 13.57 2.25
CA LEU A 119 22.70 13.31 3.53
C LEU A 119 23.53 12.23 4.24
N VAL A 120 23.75 12.43 5.54
CA VAL A 120 24.52 11.49 6.34
C VAL A 120 23.59 10.84 7.35
N CYS A 121 23.70 9.53 7.51
CA CYS A 121 22.90 8.80 8.50
C CYS A 121 23.92 8.18 9.41
N PHE A 122 23.98 8.66 10.65
CA PHE A 122 24.92 8.17 11.63
C PHE A 122 24.17 7.31 12.63
N VAL A 123 24.64 6.09 12.84
CA VAL A 123 24.01 5.16 13.76
C VAL A 123 24.96 4.87 14.91
N SER A 124 24.49 5.04 16.14
CA SER A 124 25.31 4.80 17.32
C SER A 124 24.60 3.80 18.22
N ASN A 125 25.25 3.42 19.33
CA ASN A 125 24.68 2.48 20.30
C ASN A 125 24.26 1.16 19.65
N LEU A 126 24.92 0.78 18.56
CA LEU A 126 24.62 -0.45 17.83
C LEU A 126 25.24 -1.70 18.48
N PHE A 127 24.42 -2.62 18.98
CA PHE A 127 24.93 -3.84 19.61
C PHE A 127 23.84 -4.90 19.70
N PRO A 128 24.05 -6.09 19.09
CA PRO A 128 25.22 -6.50 18.30
C PRO A 128 25.34 -5.77 16.97
N PRO A 129 26.54 -5.80 16.36
CA PRO A 129 26.81 -5.13 15.09
C PRO A 129 26.20 -5.84 13.88
N MET A 130 24.88 -5.70 13.73
CA MET A 130 24.12 -6.29 12.62
C MET A 130 23.09 -5.27 12.20
N LEU A 131 23.22 -4.73 10.99
CA LEU A 131 22.24 -3.73 10.58
C LEU A 131 22.11 -3.60 9.07
N THR A 132 21.03 -2.95 8.69
CA THR A 132 20.74 -2.67 7.32
C THR A 132 20.20 -1.24 7.35
N VAL A 133 20.67 -0.39 6.43
CA VAL A 133 20.15 0.96 6.38
C VAL A 133 19.50 1.14 5.01
N ASN A 134 18.32 1.74 5.01
CA ASN A 134 17.59 2.00 3.78
C ASN A 134 17.22 3.47 3.73
N TRP A 135 17.37 4.07 2.56
CA TRP A 135 17.03 5.47 2.38
C TRP A 135 15.71 5.59 1.62
N GLN A 136 14.92 6.60 1.98
CA GLN A 136 13.67 6.83 1.30
C GLN A 136 13.49 8.32 1.05
N HIS A 137 12.77 8.63 -0.03
CA HIS A 137 12.47 9.99 -0.44
C HIS A 137 10.95 10.00 -0.57
N HIS A 138 10.27 10.70 0.32
CA HIS A 138 8.81 10.73 0.30
C HIS A 138 8.26 9.31 0.25
N SER A 139 8.62 8.50 1.23
CA SER A 139 8.14 7.11 1.28
C SER A 139 8.53 6.28 0.06
N VAL A 140 9.53 6.75 -0.69
CA VAL A 140 9.98 6.02 -1.87
C VAL A 140 11.42 5.56 -1.72
N PRO A 141 11.65 4.24 -1.82
CA PRO A 141 13.01 3.71 -1.70
C PRO A 141 13.97 4.36 -2.69
N VAL A 142 15.21 4.52 -2.28
CA VAL A 142 16.24 5.11 -3.13
C VAL A 142 17.58 4.56 -2.65
N GLU A 143 18.43 4.13 -3.59
CA GLU A 143 19.73 3.55 -3.22
C GLU A 143 20.74 4.62 -2.83
N GLY A 144 21.55 4.31 -1.81
CA GLY A 144 22.54 5.26 -1.34
C GLY A 144 23.87 5.23 -2.06
N PHE A 145 24.71 6.22 -1.75
CA PHE A 145 26.03 6.34 -2.34
C PHE A 145 27.05 5.51 -1.55
N GLY A 146 27.61 4.49 -2.20
CA GLY A 146 28.60 3.67 -1.52
C GLY A 146 28.03 2.77 -0.44
N PRO A 147 28.88 2.07 0.30
CA PRO A 147 28.42 1.17 1.36
C PRO A 147 28.15 1.83 2.70
N THR A 148 27.69 1.01 3.63
CA THR A 148 27.44 1.46 4.99
C THR A 148 28.70 1.06 5.73
N PHE A 149 29.35 2.01 6.39
CA PHE A 149 30.59 1.71 7.11
C PHE A 149 30.35 1.43 8.59
N VAL A 150 30.62 0.20 8.99
CA VAL A 150 30.45 -0.20 10.37
C VAL A 150 31.83 -0.17 10.99
N SER A 151 31.96 0.45 12.15
CA SER A 151 33.24 0.52 12.82
C SER A 151 33.10 0.31 14.32
N ALA A 152 34.18 -0.12 14.95
CA ALA A 152 34.17 -0.34 16.38
C ALA A 152 34.68 0.95 17.03
N VAL A 153 34.18 1.25 18.22
CA VAL A 153 34.61 2.43 18.95
C VAL A 153 34.94 2.02 20.37
N ASP A 154 35.69 2.86 21.06
CA ASP A 154 36.09 2.57 22.42
C ASP A 154 34.88 2.23 23.30
N GLY A 155 35.02 1.22 24.15
CA GLY A 155 33.93 0.83 25.03
C GLY A 155 33.14 -0.37 24.50
N LEU A 156 33.78 -1.18 23.67
CA LEU A 156 33.14 -2.38 23.11
C LEU A 156 31.83 -2.04 22.42
N SER A 157 31.81 -0.93 21.70
CA SER A 157 30.60 -0.53 21.00
C SER A 157 30.83 -0.39 19.50
N PHE A 158 29.76 -0.13 18.76
CA PHE A 158 29.86 0.02 17.33
C PHE A 158 29.04 1.22 16.84
N GLN A 159 29.34 1.66 15.62
CA GLN A 159 28.63 2.78 15.01
C GLN A 159 28.67 2.53 13.52
N ALA A 160 27.87 3.28 12.77
CA ALA A 160 27.86 3.10 11.33
C ALA A 160 27.52 4.40 10.65
N PHE A 161 28.05 4.56 9.44
CA PHE A 161 27.79 5.75 8.63
C PHE A 161 27.27 5.31 7.25
N SER A 162 26.26 6.01 6.75
CA SER A 162 25.68 5.75 5.43
C SER A 162 25.49 7.12 4.79
N TYR A 163 25.60 7.17 3.48
CA TYR A 163 25.46 8.44 2.78
C TYR A 163 24.53 8.37 1.57
N LEU A 164 23.91 9.50 1.26
CA LEU A 164 23.01 9.62 0.12
C LEU A 164 23.26 10.94 -0.59
N ASN A 165 23.66 10.88 -1.85
CA ASN A 165 23.91 12.08 -2.62
C ASN A 165 22.59 12.58 -3.20
N PHE A 166 22.37 13.89 -3.13
CA PHE A 166 21.13 14.45 -3.65
C PHE A 166 21.22 15.96 -3.82
N THR A 167 20.22 16.52 -4.48
CA THR A 167 20.13 17.96 -4.69
C THR A 167 18.84 18.38 -4.01
N PRO A 168 18.96 19.01 -2.84
CA PRO A 168 17.78 19.45 -2.10
C PRO A 168 16.84 20.42 -2.79
N GLU A 169 15.54 20.20 -2.57
CA GLU A 169 14.47 21.03 -3.12
C GLU A 169 13.51 21.31 -1.96
N PRO A 170 12.87 22.49 -1.97
CA PRO A 170 11.91 22.94 -0.95
C PRO A 170 10.90 21.92 -0.42
N SER A 171 10.40 21.07 -1.30
CA SER A 171 9.40 20.09 -0.87
C SER A 171 9.98 18.73 -0.45
N ASP A 172 11.30 18.63 -0.41
CA ASP A 172 11.94 17.37 -0.03
C ASP A 172 11.66 16.90 1.39
N ILE A 173 11.63 15.59 1.54
CA ILE A 173 11.47 14.93 2.82
C ILE A 173 12.18 13.60 2.62
N PHE A 174 13.20 13.36 3.43
CA PHE A 174 13.94 12.10 3.33
C PHE A 174 13.93 11.39 4.66
N SER A 175 14.23 10.11 4.62
CA SER A 175 14.28 9.34 5.84
C SER A 175 15.35 8.27 5.73
N CYS A 176 15.93 7.95 6.86
CA CYS A 176 16.95 6.91 6.96
C CYS A 176 16.29 5.86 7.83
N ILE A 177 16.21 4.63 7.36
CA ILE A 177 15.58 3.56 8.12
C ILE A 177 16.64 2.56 8.53
N VAL A 178 16.79 2.38 9.83
CA VAL A 178 17.79 1.47 10.35
C VAL A 178 17.17 0.24 10.97
N THR A 179 17.53 -0.92 10.44
CA THR A 179 17.03 -2.18 10.95
C THR A 179 18.11 -2.90 11.72
N HIS A 180 17.90 -3.08 13.01
CA HIS A 180 18.88 -3.80 13.81
C HIS A 180 18.63 -5.21 13.28
N GLU A 181 19.42 -5.57 12.27
CA GLU A 181 19.27 -6.81 11.55
C GLU A 181 18.65 -8.06 12.12
N ILE A 182 17.72 -8.52 11.30
CA ILE A 182 16.88 -9.68 11.49
C ILE A 182 15.75 -9.30 12.41
N ASP A 183 15.17 -8.16 12.06
CA ASP A 183 14.01 -7.61 12.72
C ASP A 183 14.02 -7.49 14.26
N ARG A 184 15.17 -7.13 14.83
CA ARG A 184 15.26 -6.96 16.28
C ARG A 184 14.59 -5.65 16.67
N TYR A 185 14.76 -4.65 15.82
CA TYR A 185 14.21 -3.32 16.05
C TYR A 185 14.43 -2.46 14.81
N THR A 186 13.56 -1.47 14.61
CA THR A 186 13.68 -0.58 13.46
C THR A 186 13.59 0.87 13.92
N ALA A 187 14.58 1.67 13.52
CA ALA A 187 14.61 3.09 13.89
C ALA A 187 14.49 3.92 12.63
N ILE A 188 13.87 5.08 12.75
CA ILE A 188 13.70 5.98 11.61
C ILE A 188 14.00 7.42 11.99
N ALA A 189 14.83 8.06 11.18
CA ALA A 189 15.20 9.45 11.39
C ALA A 189 14.79 10.20 10.13
N TYR A 190 14.13 11.34 10.31
CA TYR A 190 13.66 12.14 9.20
C TYR A 190 14.49 13.40 9.01
N TRP A 191 14.61 13.83 7.76
CA TRP A 191 15.32 15.05 7.45
C TRP A 191 14.39 15.95 6.64
N VAL A 192 14.27 17.21 7.04
CA VAL A 192 13.44 18.16 6.30
C VAL A 192 14.30 19.39 6.07
N PRO A 193 14.12 20.07 4.92
CA PRO A 193 14.88 21.27 4.56
C PRO A 193 14.50 22.45 5.45
N ARG A 194 15.47 22.97 6.20
CA ARG A 194 15.21 24.10 7.08
C ARG A 194 16.36 25.10 7.14
N ASN A 195 16.01 26.37 7.32
CA ASN A 195 17.00 27.43 7.41
C ASN A 195 18.01 27.39 6.27
N ALA A 196 17.48 27.16 5.06
CA ALA A 196 18.31 27.10 3.87
C ALA A 196 19.11 28.38 3.70
N LEU A 197 20.36 28.25 3.26
CA LEU A 197 21.21 29.41 3.04
C LEU A 197 20.83 30.11 1.73
N PRO A 198 20.68 31.44 1.78
CA PRO A 198 20.33 32.29 0.64
C PRO A 198 21.23 32.05 -0.56
N SER A 199 20.61 31.84 -1.73
CA SER A 199 21.37 31.59 -2.95
C SER A 199 21.68 32.88 -3.71
N ASP A 200 22.85 32.89 -4.36
CA ASP A 200 23.31 34.05 -5.13
C ASP A 200 22.51 34.32 -6.40
N PHE B 3 25.55 -14.00 20.73
CA PHE B 3 26.62 -13.29 21.48
C PHE B 3 27.61 -12.59 20.58
N VAL B 4 28.38 -11.67 21.15
CA VAL B 4 29.41 -10.96 20.42
C VAL B 4 30.69 -11.10 21.24
N ALA B 5 31.82 -11.26 20.59
CA ALA B 5 33.08 -11.37 21.29
C ALA B 5 34.11 -10.43 20.69
N HIS B 6 35.07 -10.01 21.50
CA HIS B 6 36.11 -9.09 21.07
C HIS B 6 37.52 -9.57 21.37
N VAL B 7 38.44 -9.24 20.48
CA VAL B 7 39.87 -9.52 20.63
C VAL B 7 40.43 -8.19 20.11
N GLU B 8 40.48 -7.22 21.01
CA GLU B 8 40.89 -5.85 20.71
C GLU B 8 42.29 -5.42 21.15
N SER B 9 43.01 -4.80 20.22
CA SER B 9 44.35 -4.30 20.48
C SER B 9 44.31 -2.79 20.35
N THR B 10 45.05 -2.09 21.20
CA THR B 10 45.11 -0.64 21.12
C THR B 10 46.57 -0.22 21.25
N CYS B 11 46.94 0.83 20.54
CA CYS B 11 48.29 1.37 20.60
C CYS B 11 48.19 2.87 20.85
N LEU B 12 48.98 3.36 21.81
CA LEU B 12 49.01 4.78 22.10
C LEU B 12 50.36 5.30 21.64
N LEU B 13 50.37 6.17 20.65
CA LEU B 13 51.62 6.72 20.15
C LEU B 13 51.51 8.25 20.08
N ASP B 14 52.64 8.94 20.11
CA ASP B 14 52.60 10.40 20.05
C ASP B 14 52.74 10.83 18.60
N ASP B 15 52.74 12.15 18.38
CA ASP B 15 52.85 12.70 17.03
C ASP B 15 54.04 12.17 16.25
N ALA B 16 55.11 11.81 16.97
CA ALA B 16 56.33 11.31 16.36
C ALA B 16 56.33 9.83 16.02
N GLY B 17 55.41 9.07 16.60
CA GLY B 17 55.35 7.64 16.33
C GLY B 17 56.00 6.83 17.43
N THR B 18 56.28 7.48 18.54
CA THR B 18 56.88 6.82 19.69
C THR B 18 55.81 6.08 20.48
N PRO B 19 55.90 4.75 20.58
CA PRO B 19 54.91 3.96 21.32
C PRO B 19 54.93 4.27 22.81
N LYS B 20 53.80 4.72 23.35
CA LYS B 20 53.68 5.07 24.76
C LYS B 20 52.96 3.99 25.55
N ASP B 21 52.06 3.29 24.90
CA ASP B 21 51.30 2.25 25.58
C ASP B 21 50.74 1.22 24.59
N PHE B 22 50.23 0.13 25.11
CA PHE B 22 49.71 -0.94 24.28
C PHE B 22 48.84 -1.89 25.11
N THR B 23 47.67 -2.25 24.58
CA THR B 23 46.78 -3.18 25.29
C THR B 23 46.28 -4.27 24.36
N TYR B 24 45.88 -5.38 24.95
CA TYR B 24 45.36 -6.52 24.21
C TYR B 24 44.36 -7.15 25.16
N CYS B 25 43.07 -6.99 24.86
CA CYS B 25 42.03 -7.49 25.73
C CYS B 25 40.96 -8.31 25.02
N ILE B 26 40.45 -9.31 25.72
CA ILE B 26 39.41 -10.19 25.22
C ILE B 26 38.12 -9.89 25.98
N SER B 27 37.02 -9.78 25.23
CA SER B 27 35.72 -9.50 25.85
C SER B 27 34.68 -10.48 25.30
N PHE B 28 33.61 -10.67 26.05
CA PHE B 28 32.53 -11.54 25.62
C PHE B 28 31.22 -10.96 26.16
N ASN B 29 30.23 -10.85 25.30
CA ASN B 29 28.92 -10.29 25.67
C ASN B 29 29.08 -8.88 26.21
N LYS B 30 29.99 -8.13 25.60
CA LYS B 30 30.30 -6.74 25.96
C LYS B 30 30.82 -6.63 27.39
N ASP B 31 31.48 -7.68 27.84
CA ASP B 31 32.05 -7.73 29.18
C ASP B 31 33.56 -7.89 29.05
N LEU B 32 34.33 -6.91 29.51
CA LEU B 32 35.78 -6.99 29.43
C LEU B 32 36.22 -8.08 30.41
N LEU B 33 36.81 -9.15 29.89
CA LEU B 33 37.20 -10.27 30.73
C LEU B 33 38.67 -10.42 31.14
N THR B 34 39.58 -10.31 30.18
CA THR B 34 40.99 -10.46 30.47
C THR B 34 41.88 -9.66 29.52
N CYS B 35 42.94 -9.06 30.06
CA CYS B 35 43.89 -8.27 29.27
C CYS B 35 45.32 -8.67 29.56
N TRP B 36 46.22 -8.26 28.67
CA TRP B 36 47.64 -8.52 28.79
C TRP B 36 48.20 -7.67 29.94
N ASP B 37 49.02 -8.29 30.79
CA ASP B 37 49.63 -7.62 31.92
C ASP B 37 51.14 -7.70 31.73
N PRO B 38 51.76 -6.63 31.21
CA PRO B 38 53.20 -6.56 30.96
C PRO B 38 54.05 -6.87 32.18
N GLU B 39 53.65 -6.32 33.33
CA GLU B 39 54.36 -6.54 34.58
C GLU B 39 54.03 -7.92 35.15
N GLU B 40 53.80 -8.88 34.25
CA GLU B 40 53.45 -10.23 34.66
C GLU B 40 53.71 -11.17 33.50
N ASN B 41 53.78 -10.59 32.31
CA ASN B 41 54.00 -11.34 31.07
C ASN B 41 52.96 -12.42 30.81
N LYS B 42 51.70 -12.06 30.95
CA LYS B 42 50.61 -12.99 30.71
C LYS B 42 49.26 -12.28 30.74
N MET B 43 48.23 -13.00 30.33
CA MET B 43 46.87 -12.46 30.33
C MET B 43 46.33 -12.62 31.74
N ALA B 44 45.72 -11.55 32.27
CA ALA B 44 45.18 -11.58 33.62
C ALA B 44 43.73 -11.10 33.62
N PRO B 45 42.86 -11.77 34.38
CA PRO B 45 41.43 -11.44 34.50
C PRO B 45 41.17 -9.98 34.87
N CYS B 46 40.08 -9.43 34.34
CA CYS B 46 39.68 -8.06 34.63
C CYS B 46 38.30 -8.10 35.25
N GLU B 47 37.56 -9.17 34.95
CA GLU B 47 36.20 -9.34 35.44
C GLU B 47 36.16 -10.26 36.66
N PHE B 48 35.55 -9.79 37.75
CA PHE B 48 35.45 -10.57 38.96
C PHE B 48 33.99 -10.80 39.36
N GLY B 49 33.10 -10.61 38.40
CA GLY B 49 31.68 -10.82 38.62
C GLY B 49 31.32 -12.22 38.15
N VAL B 50 30.09 -12.38 37.63
CA VAL B 50 29.61 -13.68 37.16
C VAL B 50 30.53 -14.37 36.15
N LEU B 51 31.14 -13.61 35.26
CA LEU B 51 32.02 -14.20 34.25
C LEU B 51 33.48 -14.31 34.66
N ASN B 52 33.73 -14.36 35.96
CA ASN B 52 35.10 -14.47 36.46
C ASN B 52 35.78 -15.77 36.04
N SER B 53 35.10 -16.91 36.20
CA SER B 53 35.71 -18.18 35.83
C SER B 53 36.05 -18.20 34.35
N LEU B 54 35.14 -17.68 33.53
CA LEU B 54 35.38 -17.63 32.07
C LEU B 54 36.64 -16.78 31.83
N ALA B 55 36.76 -15.68 32.56
CA ALA B 55 37.91 -14.82 32.42
C ALA B 55 39.20 -15.59 32.70
N ASN B 56 39.18 -16.44 33.73
CA ASN B 56 40.37 -17.24 34.06
C ASN B 56 40.63 -18.34 33.02
N VAL B 57 39.57 -18.94 32.51
CA VAL B 57 39.68 -19.97 31.49
C VAL B 57 40.30 -19.39 30.20
N LEU B 58 39.84 -18.20 29.80
CA LEU B 58 40.37 -17.58 28.59
C LEU B 58 41.82 -17.16 28.77
N SER B 59 42.13 -16.65 29.96
CA SER B 59 43.49 -16.22 30.27
C SER B 59 44.43 -17.42 30.19
N GLN B 60 43.98 -18.54 30.77
CA GLN B 60 44.76 -19.78 30.77
C GLN B 60 45.10 -20.24 29.36
N HIS B 61 44.07 -20.47 28.56
CA HIS B 61 44.24 -20.92 27.18
C HIS B 61 45.15 -20.03 26.36
N LEU B 62 45.02 -18.72 26.53
CA LEU B 62 45.85 -17.80 25.78
C LEU B 62 47.29 -17.81 26.31
N ASN B 63 47.46 -17.89 27.62
CA ASN B 63 48.79 -17.88 28.22
C ASN B 63 49.62 -19.12 27.87
N GLN B 64 48.96 -20.14 27.34
CA GLN B 64 49.66 -21.35 26.93
C GLN B 64 50.07 -21.28 25.47
N LYS B 65 49.81 -20.13 24.84
CA LYS B 65 50.16 -19.91 23.43
C LYS B 65 51.45 -19.13 23.33
N ASP B 66 52.56 -19.84 23.19
CA ASP B 66 53.88 -19.22 23.08
C ASP B 66 53.98 -18.11 22.05
N THR B 67 53.38 -18.33 20.87
CA THR B 67 53.45 -17.32 19.83
C THR B 67 52.81 -16.02 20.30
N LEU B 68 51.67 -16.13 20.97
CA LEU B 68 50.97 -14.95 21.48
C LEU B 68 51.81 -14.25 22.54
N MET B 69 52.37 -15.02 23.47
CA MET B 69 53.19 -14.43 24.54
C MET B 69 54.35 -13.63 23.95
N GLN B 70 55.03 -14.22 22.97
CA GLN B 70 56.16 -13.56 22.35
C GLN B 70 55.69 -12.32 21.59
N ARG B 71 54.51 -12.43 20.98
CA ARG B 71 53.92 -11.33 20.23
C ARG B 71 53.58 -10.14 21.13
N LEU B 72 52.94 -10.42 22.27
CA LEU B 72 52.55 -9.36 23.20
C LEU B 72 53.77 -8.75 23.89
N ARG B 73 54.80 -9.56 24.15
CA ARG B 73 56.01 -9.04 24.77
C ARG B 73 56.58 -7.95 23.89
N ASN B 74 56.34 -8.06 22.58
CA ASN B 74 56.84 -7.06 21.62
C ASN B 74 55.75 -6.12 21.15
N GLY B 75 54.65 -6.04 21.92
CA GLY B 75 53.54 -5.18 21.56
C GLY B 75 53.92 -3.76 21.20
N LEU B 76 54.75 -3.14 22.04
CA LEU B 76 55.21 -1.79 21.83
C LEU B 76 55.93 -1.61 20.50
N GLN B 77 56.84 -2.52 20.18
CA GLN B 77 57.58 -2.44 18.93
C GLN B 77 56.64 -2.68 17.75
N ASN B 78 55.76 -3.67 17.90
CA ASN B 78 54.78 -4.00 16.85
C ASN B 78 53.96 -2.75 16.53
N CYS B 79 53.56 -2.02 17.57
CA CYS B 79 52.77 -0.80 17.40
C CYS B 79 53.48 0.23 16.52
N ALA B 80 54.75 0.44 16.80
CA ALA B 80 55.54 1.41 16.05
C ALA B 80 55.78 0.95 14.61
N THR B 81 56.15 -0.31 14.47
CA THR B 81 56.43 -0.89 13.16
C THR B 81 55.19 -0.89 12.27
N HIS B 82 54.07 -1.31 12.83
CA HIS B 82 52.82 -1.38 12.06
C HIS B 82 52.29 -0.03 11.61
N THR B 83 52.30 0.96 12.51
CA THR B 83 51.78 2.28 12.18
C THR B 83 52.80 3.18 11.48
N GLN B 84 54.05 2.74 11.48
CA GLN B 84 55.15 3.48 10.88
C GLN B 84 54.91 4.08 9.48
N PRO B 85 54.42 3.27 8.53
CA PRO B 85 54.20 3.83 7.20
C PRO B 85 53.17 4.95 7.05
N PHE B 86 52.20 5.04 7.96
CA PHE B 86 51.19 6.08 7.83
C PHE B 86 51.05 7.06 9.00
N TRP B 87 51.53 6.67 10.17
CA TRP B 87 51.37 7.50 11.35
C TRP B 87 51.69 8.98 11.18
N GLY B 88 52.88 9.26 10.66
CA GLY B 88 53.27 10.64 10.46
C GLY B 88 52.28 11.43 9.63
N SER B 89 51.72 10.80 8.60
CA SER B 89 50.76 11.46 7.72
C SER B 89 49.44 11.73 8.41
N LEU B 90 49.15 11.00 9.48
CA LEU B 90 47.92 11.18 10.20
C LEU B 90 48.02 12.24 11.28
N THR B 91 49.07 12.16 12.11
CA THR B 91 49.26 13.13 13.19
C THR B 91 49.52 14.54 12.68
N ASN B 92 49.81 14.64 11.39
CA ASN B 92 50.10 15.92 10.75
C ASN B 92 48.92 16.37 9.89
N ARG B 93 47.95 15.47 9.69
CA ARG B 93 46.79 15.74 8.85
C ARG B 93 45.87 16.84 9.39
N THR B 94 45.53 17.78 8.51
CA THR B 94 44.63 18.88 8.86
C THR B 94 43.84 19.26 7.62
N ARG B 95 42.64 19.78 7.81
CA ARG B 95 41.79 20.24 6.72
C ARG B 95 41.13 21.52 7.22
N PRO B 96 41.31 22.61 6.48
CA PRO B 96 40.74 23.92 6.84
C PRO B 96 39.22 23.93 6.75
N PRO B 97 38.57 24.66 7.68
CA PRO B 97 37.12 24.74 7.69
C PRO B 97 36.55 25.77 6.72
N SER B 98 35.40 25.45 6.14
CA SER B 98 34.70 26.37 5.27
C SER B 98 33.72 27.00 6.25
N VAL B 99 33.37 28.27 6.05
CA VAL B 99 32.43 28.92 6.96
C VAL B 99 31.51 29.90 6.24
N GLN B 100 30.26 29.90 6.66
CA GLN B 100 29.21 30.74 6.08
C GLN B 100 28.26 31.21 7.16
N VAL B 101 27.83 32.46 7.08
CA VAL B 101 26.90 33.00 8.06
C VAL B 101 25.59 33.29 7.33
N ALA B 102 24.49 33.13 8.04
CA ALA B 102 23.16 33.38 7.47
C ALA B 102 22.15 33.37 8.59
N LYS B 103 20.94 33.84 8.30
CA LYS B 103 19.91 33.86 9.32
C LYS B 103 19.31 32.48 9.51
N THR B 104 18.73 32.26 10.69
CA THR B 104 18.08 31.00 11.00
C THR B 104 16.90 31.30 11.92
N THR B 105 15.93 30.38 11.97
CA THR B 105 14.75 30.55 12.82
C THR B 105 15.16 30.65 14.30
N PRO B 106 14.84 31.75 14.99
CA PRO B 106 15.21 31.89 16.41
C PRO B 106 14.60 30.85 17.37
N PHE B 107 15.39 30.42 18.35
CA PHE B 107 14.91 29.45 19.33
C PHE B 107 15.59 29.68 20.67
N ASN B 108 14.89 29.38 21.75
CA ASN B 108 15.39 29.58 23.11
C ASN B 108 15.93 30.99 23.31
N THR B 109 15.18 31.99 22.84
CA THR B 109 15.61 33.38 22.98
C THR B 109 14.44 34.31 22.82
N ARG B 110 14.64 35.56 23.22
CA ARG B 110 13.61 36.57 23.08
C ARG B 110 13.97 37.48 21.92
N GLU B 111 15.25 37.49 21.56
CA GLU B 111 15.73 38.31 20.46
C GLU B 111 14.93 37.98 19.20
N PRO B 112 14.76 38.97 18.30
CA PRO B 112 14.01 38.78 17.06
C PRO B 112 14.82 38.09 15.96
N VAL B 113 16.14 38.25 16.01
CA VAL B 113 16.99 37.66 15.01
C VAL B 113 18.01 36.71 15.61
N MET B 114 18.34 35.66 14.84
CA MET B 114 19.31 34.68 15.27
C MET B 114 20.23 34.29 14.11
N LEU B 115 21.53 34.46 14.31
CA LEU B 115 22.50 34.11 13.28
C LEU B 115 23.07 32.73 13.52
N ALA B 116 23.46 32.06 12.44
CA ALA B 116 24.06 30.74 12.53
C ALA B 116 25.35 30.79 11.74
N CYS B 117 26.47 30.52 12.41
CA CYS B 117 27.74 30.49 11.73
C CYS B 117 28.05 29.02 11.46
N TYR B 118 27.98 28.60 10.20
CA TYR B 118 28.24 27.22 9.83
C TYR B 118 29.70 26.98 9.56
N VAL B 119 30.24 25.94 10.19
CA VAL B 119 31.63 25.58 10.01
C VAL B 119 31.66 24.10 9.65
N TRP B 120 32.27 23.76 8.52
CA TRP B 120 32.31 22.36 8.09
C TRP B 120 33.52 21.99 7.25
N GLY B 121 33.66 20.69 7.02
CA GLY B 121 34.75 20.17 6.22
C GLY B 121 36.11 20.18 6.86
N PHE B 122 36.16 20.48 8.16
CA PHE B 122 37.45 20.55 8.85
C PHE B 122 37.92 19.29 9.58
N TYR B 123 39.23 19.27 9.88
CA TYR B 123 39.88 18.16 10.57
C TYR B 123 41.22 18.68 11.11
N PRO B 124 41.54 18.41 12.40
CA PRO B 124 40.80 17.66 13.42
C PRO B 124 39.51 18.35 13.84
N ALA B 125 38.86 17.80 14.87
CA ALA B 125 37.59 18.31 15.38
C ALA B 125 37.68 19.57 16.23
N GLU B 126 38.85 19.85 16.78
CA GLU B 126 39.02 21.04 17.63
C GLU B 126 38.86 22.31 16.82
N VAL B 127 37.96 23.19 17.27
CA VAL B 127 37.71 24.43 16.56
C VAL B 127 37.12 25.45 17.53
N THR B 128 37.47 26.73 17.34
CA THR B 128 36.97 27.79 18.20
C THR B 128 36.27 28.84 17.37
N ILE B 129 35.12 29.27 17.86
CA ILE B 129 34.33 30.26 17.17
C ILE B 129 33.92 31.34 18.16
N THR B 130 34.12 32.59 17.77
CA THR B 130 33.74 33.72 18.60
C THR B 130 33.00 34.73 17.74
N TRP B 131 32.24 35.60 18.38
CA TRP B 131 31.49 36.62 17.66
C TRP B 131 31.97 38.02 17.96
N ARG B 132 31.92 38.85 16.93
CA ARG B 132 32.32 40.24 17.05
C ARG B 132 31.21 41.16 16.52
N LYS B 133 30.89 42.20 17.28
CA LYS B 133 29.87 43.17 16.87
C LYS B 133 30.59 44.48 16.58
N ASN B 134 30.53 44.92 15.33
CA ASN B 134 31.21 46.13 14.93
C ASN B 134 32.68 46.10 15.34
N GLY B 135 33.26 44.91 15.34
CA GLY B 135 34.66 44.77 15.70
C GLY B 135 34.98 44.39 17.13
N LYS B 136 33.99 44.35 18.00
CA LYS B 136 34.25 44.00 19.40
C LYS B 136 33.60 42.70 19.85
N LEU B 137 34.34 41.92 20.64
CA LEU B 137 33.85 40.64 21.14
C LEU B 137 32.53 40.76 21.89
N VAL B 138 31.72 39.72 21.82
CA VAL B 138 30.43 39.69 22.50
C VAL B 138 30.19 38.29 23.06
N MET B 139 29.19 38.16 23.94
CA MET B 139 28.86 36.86 24.56
C MET B 139 30.11 36.21 25.15
N PRO B 140 30.93 36.99 25.89
CA PRO B 140 32.15 36.46 26.49
C PRO B 140 31.99 35.20 27.34
N HIS B 141 30.83 35.04 27.97
CA HIS B 141 30.61 33.88 28.82
C HIS B 141 30.12 32.64 28.08
N SER B 142 30.27 32.61 26.77
CA SER B 142 29.86 31.46 25.99
C SER B 142 31.02 30.47 25.90
N SER B 143 30.76 29.29 25.34
CA SER B 143 31.81 28.27 25.20
C SER B 143 32.42 28.36 23.79
N ALA B 144 33.55 29.05 23.67
CA ALA B 144 34.23 29.22 22.38
C ALA B 144 34.74 27.90 21.79
N HIS B 145 35.14 26.99 22.68
CA HIS B 145 35.63 25.66 22.33
C HIS B 145 34.39 24.80 22.04
N LYS B 146 34.08 24.66 20.77
CA LYS B 146 32.89 23.92 20.35
C LYS B 146 33.05 22.41 20.19
N THR B 147 31.94 21.68 20.37
CA THR B 147 31.95 20.23 20.16
C THR B 147 31.46 20.07 18.72
N ALA B 148 32.06 19.14 18.00
CA ALA B 148 31.75 18.94 16.61
C ALA B 148 31.20 17.58 16.25
N GLN B 149 30.31 17.56 15.25
CA GLN B 149 29.71 16.34 14.75
C GLN B 149 30.59 15.71 13.68
N PRO B 150 30.97 14.44 13.85
CA PRO B 150 31.82 13.79 12.84
C PRO B 150 30.96 13.39 11.65
N ASN B 151 31.50 13.52 10.44
CA ASN B 151 30.75 13.15 9.26
C ASN B 151 31.07 11.72 8.86
N GLY B 152 32.05 11.13 9.53
CA GLY B 152 32.43 9.76 9.22
C GLY B 152 33.47 9.63 8.13
N ASP B 153 33.75 10.72 7.43
CA ASP B 153 34.72 10.69 6.34
C ASP B 153 35.98 11.51 6.64
N TRP B 154 36.27 11.66 7.93
CA TRP B 154 37.43 12.44 8.39
C TRP B 154 37.26 13.95 8.25
N THR B 155 36.01 14.41 8.33
CA THR B 155 35.70 15.83 8.31
C THR B 155 34.66 16.01 9.41
N TYR B 156 34.58 17.21 9.94
CA TYR B 156 33.64 17.52 11.00
C TYR B 156 32.85 18.80 10.67
N GLN B 157 31.84 19.08 11.47
CA GLN B 157 31.03 20.27 11.29
C GLN B 157 30.44 20.68 12.61
N THR B 158 30.20 21.97 12.76
CA THR B 158 29.58 22.52 13.95
C THR B 158 28.99 23.89 13.58
N LEU B 159 28.33 24.53 14.53
CA LEU B 159 27.73 25.84 14.28
C LEU B 159 27.62 26.60 15.59
N SER B 160 27.68 27.92 15.49
CA SER B 160 27.56 28.78 16.65
C SER B 160 26.38 29.70 16.36
N HIS B 161 25.65 30.10 17.39
CA HIS B 161 24.51 30.98 17.20
C HIS B 161 24.74 32.32 17.87
N LEU B 162 23.98 33.31 17.45
CA LEU B 162 24.05 34.64 18.03
C LEU B 162 22.68 35.27 17.87
N ALA B 163 21.98 35.47 18.99
CA ALA B 163 20.66 36.08 18.96
C ALA B 163 20.86 37.59 19.06
N LEU B 164 20.11 38.36 18.29
CA LEU B 164 20.30 39.80 18.31
C LEU B 164 19.13 40.60 17.78
N THR B 165 19.22 41.92 17.93
CA THR B 165 18.23 42.85 17.41
C THR B 165 19.02 43.66 16.38
N PRO B 166 18.60 43.63 15.12
CA PRO B 166 19.25 44.34 14.00
C PRO B 166 19.19 45.88 14.03
N SER B 167 20.19 46.55 13.45
CA SER B 167 20.24 48.00 13.41
C SER B 167 20.81 48.68 12.16
N TYR B 168 20.86 47.96 11.05
CA TYR B 168 21.34 48.52 9.79
C TYR B 168 22.77 49.04 9.72
N GLY B 169 23.34 49.47 10.84
CA GLY B 169 24.69 49.99 10.79
C GLY B 169 25.64 48.98 11.42
N ASP B 170 25.06 48.01 12.10
CA ASP B 170 25.85 46.99 12.78
C ASP B 170 26.31 45.87 11.86
N THR B 171 27.55 45.45 12.07
CA THR B 171 28.14 44.36 11.30
C THR B 171 28.59 43.29 12.29
N TYR B 172 28.10 42.07 12.11
CA TYR B 172 28.49 40.99 13.00
C TYR B 172 29.47 40.09 12.26
N THR B 173 30.54 39.71 12.95
CA THR B 173 31.57 38.87 12.34
C THR B 173 31.79 37.57 13.11
N CYS B 174 31.78 36.46 12.37
CA CYS B 174 32.02 35.14 12.96
C CYS B 174 33.50 34.90 12.75
N VAL B 175 34.23 34.69 13.84
CA VAL B 175 35.67 34.46 13.79
C VAL B 175 35.96 32.98 14.09
N VAL B 176 36.50 32.29 13.09
CA VAL B 176 36.79 30.87 13.26
C VAL B 176 38.29 30.57 13.28
N GLU B 177 38.73 29.86 14.32
CA GLU B 177 40.13 29.49 14.44
C GLU B 177 40.28 27.97 14.43
N HIS B 178 41.15 27.49 13.55
CA HIS B 178 41.40 26.06 13.37
C HIS B 178 42.82 25.82 12.89
N ILE B 179 43.55 24.88 13.50
CA ILE B 179 44.94 24.61 13.12
C ILE B 179 45.11 24.35 11.62
N GLY B 180 44.03 24.01 10.95
CA GLY B 180 44.10 23.75 9.52
C GLY B 180 44.14 25.03 8.70
N ALA B 181 43.98 26.18 9.38
CA ALA B 181 44.01 27.48 8.72
C ALA B 181 45.04 28.37 9.42
N PRO B 182 46.07 28.82 8.69
CA PRO B 182 47.11 29.68 9.25
C PRO B 182 46.60 30.95 9.94
N GLU B 183 45.57 31.56 9.36
CA GLU B 183 45.00 32.78 9.92
C GLU B 183 43.50 32.61 10.24
N PRO B 184 42.98 33.41 11.19
CA PRO B 184 41.56 33.31 11.55
C PRO B 184 40.71 33.47 10.30
N ILE B 185 39.51 32.88 10.31
CA ILE B 185 38.62 32.99 9.17
C ILE B 185 37.44 33.85 9.62
N LEU B 186 37.15 34.89 8.84
CA LEU B 186 36.07 35.81 9.20
C LEU B 186 34.93 35.85 8.19
N ARG B 187 33.71 35.91 8.71
CA ARG B 187 32.52 35.99 7.88
C ARG B 187 31.63 37.08 8.46
N ASP B 188 31.33 38.08 7.65
CA ASP B 188 30.50 39.19 8.09
C ASP B 188 29.02 39.01 7.76
N TRP B 189 28.17 39.71 8.51
CA TRP B 189 26.74 39.69 8.31
C TRP B 189 26.17 41.04 8.76
N THR B 190 25.21 41.55 8.00
CA THR B 190 24.57 42.83 8.32
C THR B 190 23.09 42.66 8.02
N PRO B 191 22.22 43.46 8.66
CA PRO B 191 20.78 43.36 8.42
C PRO B 191 20.37 43.59 6.96
N GLY B 192 21.13 44.41 6.25
CA GLY B 192 20.81 44.68 4.85
C GLY B 192 21.68 43.90 3.87
N LEU B 193 21.69 42.58 4.00
CA LEU B 193 22.50 41.78 3.11
C LEU B 193 21.66 40.76 2.33
N ASP C 12 -10.76 2.49 -1.72
CA ASP C 12 -10.13 1.18 -1.41
C ASP C 12 -10.73 0.00 -2.20
N LEU C 13 -11.24 0.28 -3.39
CA LEU C 13 -11.82 -0.73 -4.28
C LEU C 13 -13.07 -1.45 -3.79
N GLN C 14 -14.20 -1.15 -4.44
CA GLN C 14 -15.47 -1.78 -4.07
C GLN C 14 -15.58 -3.22 -4.57
N ASN C 15 -16.41 -4.01 -3.88
CA ASN C 15 -16.62 -5.39 -4.25
C ASN C 15 -17.73 -5.48 -5.30
N HIS C 16 -17.76 -6.60 -6.02
CA HIS C 16 -18.78 -6.86 -7.04
C HIS C 16 -19.11 -8.34 -6.98
N THR C 17 -20.36 -8.68 -7.26
CA THR C 17 -20.79 -10.07 -7.19
C THR C 17 -21.00 -10.78 -8.52
N PHE C 18 -20.39 -11.96 -8.62
CA PHE C 18 -20.53 -12.81 -9.80
C PHE C 18 -21.41 -13.95 -9.33
N LEU C 19 -22.63 -14.01 -9.85
CA LEU C 19 -23.58 -15.04 -9.46
C LEU C 19 -23.64 -16.12 -10.55
N HIS C 20 -23.49 -17.38 -10.13
CA HIS C 20 -23.50 -18.54 -11.03
C HIS C 20 -24.52 -19.51 -10.44
N THR C 21 -25.74 -19.46 -10.97
CA THR C 21 -26.82 -20.28 -10.46
C THR C 21 -27.28 -21.45 -11.33
N VAL C 22 -27.03 -22.67 -10.85
CA VAL C 22 -27.46 -23.86 -11.55
C VAL C 22 -28.75 -24.22 -10.83
N TYR C 23 -29.84 -24.35 -11.57
CA TYR C 23 -31.10 -24.71 -10.97
C TYR C 23 -31.79 -25.75 -11.83
N CYS C 24 -32.68 -26.51 -11.22
CA CYS C 24 -33.40 -27.56 -11.93
C CYS C 24 -34.77 -27.65 -11.29
N GLN C 25 -35.72 -28.29 -11.98
CA GLN C 25 -37.07 -28.37 -11.45
C GLN C 25 -37.91 -29.44 -12.13
N ASP C 26 -39.08 -29.70 -11.56
CA ASP C 26 -40.03 -30.65 -12.13
C ASP C 26 -40.79 -29.79 -13.14
N GLY C 27 -40.42 -29.90 -14.40
CA GLY C 27 -41.09 -29.10 -15.40
C GLY C 27 -40.10 -28.59 -16.42
N SER C 28 -40.57 -27.73 -17.31
CA SER C 28 -39.71 -27.21 -18.34
C SER C 28 -39.41 -25.73 -18.14
N PRO C 29 -38.13 -25.34 -18.24
CA PRO C 29 -36.97 -26.20 -18.52
C PRO C 29 -36.60 -27.01 -17.28
N SER C 30 -36.23 -28.28 -17.47
CA SER C 30 -35.88 -29.12 -16.33
C SER C 30 -34.60 -28.66 -15.64
N VAL C 31 -33.72 -28.00 -16.36
CA VAL C 31 -32.48 -27.53 -15.77
C VAL C 31 -32.01 -26.24 -16.44
N GLY C 32 -31.32 -25.40 -15.69
CA GLY C 32 -30.84 -24.14 -16.23
C GLY C 32 -29.64 -23.64 -15.47
N LEU C 33 -28.94 -22.67 -16.05
CA LEU C 33 -27.76 -22.08 -15.44
C LEU C 33 -27.69 -20.63 -15.87
N SER C 34 -27.81 -19.73 -14.91
CA SER C 34 -27.76 -18.30 -15.17
C SER C 34 -26.60 -17.65 -14.42
N GLU C 35 -25.91 -16.72 -15.08
CA GLU C 35 -24.77 -16.03 -14.49
C GLU C 35 -24.99 -14.52 -14.58
N ALA C 36 -24.65 -13.81 -13.52
CA ALA C 36 -24.84 -12.37 -13.49
C ALA C 36 -23.70 -11.63 -12.81
N TYR C 37 -23.50 -10.38 -13.22
CA TYR C 37 -22.51 -9.49 -12.64
C TYR C 37 -23.39 -8.46 -11.94
N ASP C 38 -23.32 -8.46 -10.61
CA ASP C 38 -24.16 -7.58 -9.81
C ASP C 38 -25.62 -7.82 -10.20
N GLU C 39 -26.35 -6.79 -10.62
CA GLU C 39 -27.75 -7.00 -10.97
C GLU C 39 -28.06 -7.47 -12.40
N ASP C 40 -27.05 -7.50 -13.25
CA ASP C 40 -27.27 -7.83 -14.65
C ASP C 40 -26.78 -9.18 -15.16
N GLN C 41 -27.58 -9.79 -16.04
CA GLN C 41 -27.27 -11.11 -16.57
C GLN C 41 -26.15 -11.08 -17.60
N LEU C 42 -25.18 -11.95 -17.40
CA LEU C 42 -24.04 -12.04 -18.31
C LEU C 42 -24.25 -13.16 -19.33
N PHE C 43 -24.53 -14.35 -18.81
CA PHE C 43 -24.73 -15.53 -19.64
C PHE C 43 -25.84 -16.44 -19.12
N PHE C 44 -26.29 -17.33 -19.99
CA PHE C 44 -27.27 -18.35 -19.62
C PHE C 44 -26.79 -19.56 -20.41
N PHE C 45 -26.88 -20.74 -19.81
CA PHE C 45 -26.39 -21.95 -20.48
C PHE C 45 -27.49 -22.68 -21.24
N ASP C 46 -27.18 -23.07 -22.47
CA ASP C 46 -28.14 -23.82 -23.29
C ASP C 46 -27.66 -25.27 -23.20
N PHE C 47 -28.32 -26.08 -22.38
CA PHE C 47 -27.91 -27.47 -22.25
C PHE C 47 -28.18 -28.33 -23.48
N SER C 48 -29.20 -27.96 -24.26
CA SER C 48 -29.51 -28.73 -25.46
C SER C 48 -28.46 -28.43 -26.52
N GLN C 49 -27.77 -27.30 -26.36
CA GLN C 49 -26.76 -26.89 -27.32
C GLN C 49 -25.35 -26.97 -26.74
N ASN C 50 -25.25 -27.37 -25.47
CA ASN C 50 -23.96 -27.50 -24.79
C ASN C 50 -23.13 -26.21 -24.91
N THR C 51 -23.66 -25.08 -24.43
CA THR C 51 -22.90 -23.85 -24.56
C THR C 51 -23.47 -22.64 -23.82
N ARG C 52 -22.58 -21.71 -23.48
CA ARG C 52 -22.98 -20.47 -22.82
C ARG C 52 -23.48 -19.53 -23.90
N VAL C 53 -24.56 -18.82 -23.60
CA VAL C 53 -25.14 -17.86 -24.53
C VAL C 53 -25.01 -16.49 -23.89
N PRO C 54 -24.43 -15.52 -24.63
CA PRO C 54 -24.26 -14.16 -24.10
C PRO C 54 -25.56 -13.37 -24.05
N ARG C 55 -25.76 -12.59 -22.99
CA ARG C 55 -26.96 -11.78 -22.88
C ARG C 55 -26.89 -10.68 -23.94
N LEU C 56 -25.68 -10.19 -24.18
CA LEU C 56 -25.42 -9.13 -25.15
C LEU C 56 -24.35 -9.55 -26.14
N PRO C 57 -24.41 -9.04 -27.38
CA PRO C 57 -23.41 -9.39 -28.40
C PRO C 57 -21.98 -9.18 -27.88
N GLU C 58 -21.75 -8.06 -27.22
CA GLU C 58 -20.42 -7.74 -26.69
C GLU C 58 -19.84 -8.78 -25.73
N PHE C 59 -20.66 -9.72 -25.27
CA PHE C 59 -20.18 -10.77 -24.37
C PHE C 59 -19.96 -12.07 -25.15
N ALA C 60 -20.19 -12.01 -26.46
CA ALA C 60 -20.06 -13.20 -27.32
C ALA C 60 -18.69 -13.89 -27.26
N ASP C 61 -17.62 -13.11 -27.35
CA ASP C 61 -16.27 -13.69 -27.28
C ASP C 61 -16.02 -14.42 -25.98
N TRP C 62 -16.56 -13.89 -24.88
CA TRP C 62 -16.35 -14.51 -23.56
C TRP C 62 -17.20 -15.73 -23.30
N ALA C 63 -18.22 -15.93 -24.15
CA ALA C 63 -19.12 -17.07 -23.99
C ALA C 63 -18.49 -18.36 -24.49
N GLN C 64 -17.52 -18.23 -25.37
CA GLN C 64 -16.83 -19.37 -25.96
C GLN C 64 -16.07 -20.24 -24.97
N GLU C 65 -15.29 -19.61 -24.08
CA GLU C 65 -14.47 -20.35 -23.11
C GLU C 65 -15.09 -21.66 -22.65
N GLN C 66 -14.29 -22.72 -22.74
CA GLN C 66 -14.71 -24.06 -22.37
C GLN C 66 -14.13 -24.51 -21.03
N GLY C 67 -13.49 -23.59 -20.31
CA GLY C 67 -12.88 -23.94 -19.05
C GLY C 67 -13.74 -24.60 -17.98
N ASP C 68 -15.06 -24.42 -18.07
CA ASP C 68 -16.01 -24.93 -17.06
C ASP C 68 -16.68 -26.30 -17.09
N ALA C 69 -16.74 -26.93 -18.26
CA ALA C 69 -17.44 -28.20 -18.43
C ALA C 69 -17.66 -29.14 -17.22
N PRO C 70 -16.59 -29.64 -16.60
CA PRO C 70 -16.73 -30.55 -15.46
C PRO C 70 -17.52 -30.03 -14.25
N ALA C 71 -17.25 -28.80 -13.84
CA ALA C 71 -17.95 -28.20 -12.70
C ALA C 71 -19.44 -28.11 -13.01
N ILE C 72 -19.75 -27.60 -14.20
CA ILE C 72 -21.12 -27.47 -14.65
C ILE C 72 -21.85 -28.81 -14.66
N LEU C 73 -21.20 -29.83 -15.23
CA LEU C 73 -21.79 -31.17 -15.31
C LEU C 73 -22.07 -31.73 -13.93
N PHE C 74 -21.12 -31.59 -13.03
CA PHE C 74 -21.28 -32.08 -11.67
C PHE C 74 -22.52 -31.43 -11.02
N ASP C 75 -22.57 -30.11 -11.03
CA ASP C 75 -23.69 -29.38 -10.43
C ASP C 75 -25.02 -29.73 -11.08
N LYS C 76 -25.02 -29.84 -12.41
CA LYS C 76 -26.24 -30.16 -13.15
C LYS C 76 -26.83 -31.49 -12.70
N GLU C 77 -25.99 -32.52 -12.70
CA GLU C 77 -26.43 -33.86 -12.31
C GLU C 77 -26.84 -33.95 -10.86
N PHE C 78 -26.12 -33.25 -9.98
CA PHE C 78 -26.49 -33.31 -8.58
C PHE C 78 -27.85 -32.64 -8.41
N CYS C 79 -28.06 -31.55 -9.14
CA CYS C 79 -29.32 -30.83 -9.08
C CYS C 79 -30.46 -31.72 -9.53
N GLU C 80 -30.30 -32.34 -10.70
CA GLU C 80 -31.33 -33.22 -11.25
C GLU C 80 -31.52 -34.44 -10.37
N TRP C 81 -30.41 -34.91 -9.81
CA TRP C 81 -30.45 -36.05 -8.92
C TRP C 81 -31.46 -35.69 -7.81
N MET C 82 -31.30 -34.51 -7.22
CA MET C 82 -32.20 -34.08 -6.15
C MET C 82 -33.65 -34.05 -6.60
N ILE C 83 -33.88 -33.59 -7.83
CA ILE C 83 -35.24 -33.54 -8.34
C ILE C 83 -35.78 -34.96 -8.52
N GLN C 84 -34.95 -35.86 -9.01
CA GLN C 84 -35.34 -37.26 -9.23
C GLN C 84 -35.45 -38.05 -7.92
N GLN C 85 -34.33 -38.19 -7.22
CA GLN C 85 -34.27 -38.94 -5.97
C GLN C 85 -35.03 -38.29 -4.82
N ILE C 86 -34.73 -37.01 -4.56
CA ILE C 86 -35.43 -36.29 -3.50
C ILE C 86 -36.64 -35.69 -4.21
N GLY C 87 -37.68 -35.34 -3.46
CA GLY C 87 -38.85 -34.77 -4.11
C GLY C 87 -40.00 -35.73 -4.00
N PRO C 88 -39.91 -36.91 -4.65
CA PRO C 88 -41.02 -37.86 -4.55
C PRO C 88 -41.23 -38.18 -3.07
N LYS C 89 -40.14 -38.10 -2.31
CA LYS C 89 -40.17 -38.37 -0.87
C LYS C 89 -40.81 -37.20 -0.13
N LEU C 90 -40.56 -35.98 -0.61
CA LEU C 90 -41.10 -34.78 0.00
C LEU C 90 -42.53 -34.54 -0.47
N ASP C 91 -42.79 -34.92 -1.71
CA ASP C 91 -44.09 -34.74 -2.34
C ASP C 91 -45.23 -35.12 -1.40
N GLY C 92 -46.06 -34.13 -1.08
CA GLY C 92 -47.18 -34.37 -0.20
C GLY C 92 -46.86 -33.98 1.24
N LYS C 93 -45.62 -34.21 1.65
CA LYS C 93 -45.17 -33.88 3.00
C LYS C 93 -45.14 -32.38 3.29
N ILE C 94 -44.33 -31.65 2.53
CA ILE C 94 -44.21 -30.21 2.72
C ILE C 94 -44.82 -29.40 1.59
N PRO C 95 -45.33 -28.20 1.89
CA PRO C 95 -45.94 -27.36 0.86
C PRO C 95 -44.92 -26.89 -0.18
N VAL C 96 -45.31 -26.90 -1.45
CA VAL C 96 -44.41 -26.48 -2.52
C VAL C 96 -44.33 -24.95 -2.59
N SER C 97 -43.11 -24.43 -2.47
CA SER C 97 -42.90 -22.99 -2.53
C SER C 97 -43.33 -22.47 -3.88
N ARG C 98 -44.15 -21.43 -3.89
CA ARG C 98 -44.63 -20.86 -5.13
C ARG C 98 -44.91 -19.36 -5.00
N GLY C 99 -44.56 -18.62 -6.04
CA GLY C 99 -44.78 -17.18 -6.01
C GLY C 99 -45.50 -16.70 -7.25
N PHE C 100 -46.45 -15.79 -7.08
CA PHE C 100 -47.17 -15.26 -8.22
C PHE C 100 -46.27 -14.29 -8.96
N PRO C 101 -46.21 -14.43 -10.30
CA PRO C 101 -45.36 -13.53 -11.07
C PRO C 101 -45.98 -12.12 -11.10
N ILE C 102 -45.11 -11.11 -11.02
CA ILE C 102 -45.56 -9.72 -11.06
C ILE C 102 -44.98 -9.12 -12.33
N ALA C 103 -45.84 -8.64 -13.21
CA ALA C 103 -45.39 -8.06 -14.46
C ALA C 103 -45.59 -6.56 -14.53
N GLU C 104 -44.62 -5.86 -15.11
CA GLU C 104 -44.72 -4.42 -15.31
C GLU C 104 -44.23 -4.16 -16.72
N VAL C 105 -44.82 -3.19 -17.40
CA VAL C 105 -44.44 -2.86 -18.76
C VAL C 105 -44.14 -1.36 -18.85
N PHE C 106 -43.08 -1.03 -19.59
CA PHE C 106 -42.67 0.36 -19.75
C PHE C 106 -41.80 0.49 -21.01
N THR C 107 -41.66 1.71 -21.53
CA THR C 107 -40.84 1.90 -22.72
C THR C 107 -39.37 2.02 -22.34
N LEU C 108 -38.51 1.54 -23.24
CA LEU C 108 -37.08 1.59 -23.01
C LEU C 108 -36.60 3.03 -22.99
N LYS C 109 -37.21 3.85 -23.84
CA LYS C 109 -36.88 5.26 -23.98
C LYS C 109 -38.13 6.11 -23.77
N PRO C 110 -37.96 7.40 -23.46
CA PRO C 110 -39.12 8.27 -23.25
C PRO C 110 -40.05 8.22 -24.46
N LEU C 111 -41.35 8.29 -24.20
CA LEU C 111 -42.35 8.24 -25.26
C LEU C 111 -42.31 9.43 -26.22
N GLU C 112 -42.26 9.10 -27.51
CA GLU C 112 -42.28 10.12 -28.56
C GLU C 112 -43.01 9.49 -29.73
N PHE C 113 -44.23 9.96 -29.97
CA PHE C 113 -45.06 9.44 -31.04
C PHE C 113 -44.33 9.45 -32.38
N GLY C 114 -44.58 8.40 -33.17
CA GLY C 114 -43.98 8.28 -34.48
C GLY C 114 -42.51 7.93 -34.47
N LYS C 115 -41.94 7.82 -33.28
CA LYS C 115 -40.52 7.49 -33.18
C LYS C 115 -40.31 6.06 -32.65
N PRO C 116 -39.40 5.31 -33.28
CA PRO C 116 -39.11 3.93 -32.87
C PRO C 116 -38.76 3.83 -31.38
N ASN C 117 -39.36 2.86 -30.70
CA ASN C 117 -39.12 2.65 -29.28
C ASN C 117 -39.19 1.15 -29.03
N THR C 118 -39.18 0.76 -27.76
CA THR C 118 -39.25 -0.65 -27.43
C THR C 118 -39.96 -0.80 -26.08
N LEU C 119 -40.93 -1.69 -26.03
CA LEU C 119 -41.68 -1.92 -24.80
C LEU C 119 -40.97 -3.03 -24.03
N VAL C 120 -40.80 -2.82 -22.72
CA VAL C 120 -40.13 -3.80 -21.88
C VAL C 120 -41.15 -4.41 -20.93
N CYS C 121 -41.11 -5.73 -20.77
CA CYS C 121 -42.01 -6.40 -19.85
C CYS C 121 -41.11 -7.10 -18.85
N PHE C 122 -41.10 -6.60 -17.62
CA PHE C 122 -40.26 -7.14 -16.57
C PHE C 122 -41.10 -7.97 -15.62
N VAL C 123 -40.67 -9.20 -15.38
CA VAL C 123 -41.42 -10.10 -14.51
C VAL C 123 -40.57 -10.44 -13.30
N SER C 124 -41.12 -10.23 -12.12
CA SER C 124 -40.39 -10.52 -10.88
C SER C 124 -41.18 -11.49 -10.01
N ASN C 125 -40.61 -11.91 -8.90
CA ASN C 125 -41.28 -12.83 -7.98
C ASN C 125 -41.71 -14.15 -8.67
N LEU C 126 -40.99 -14.54 -9.71
CA LEU C 126 -41.30 -15.75 -10.47
C LEU C 126 -40.78 -17.03 -9.79
N PHE C 127 -41.68 -17.91 -9.34
CA PHE C 127 -41.26 -19.16 -8.70
C PHE C 127 -42.39 -20.17 -8.68
N PRO C 128 -42.21 -21.36 -9.29
CA PRO C 128 -41.01 -21.84 -9.99
C PRO C 128 -40.75 -21.09 -11.30
N PRO C 129 -39.52 -21.17 -11.83
CA PRO C 129 -39.14 -20.51 -13.08
C PRO C 129 -39.69 -21.18 -14.35
N MET C 130 -40.99 -21.01 -14.57
CA MET C 130 -41.69 -21.55 -15.72
C MET C 130 -42.65 -20.48 -16.19
N LEU C 131 -42.43 -19.93 -17.39
CA LEU C 131 -43.33 -18.91 -17.88
C LEU C 131 -43.36 -18.78 -19.39
N THR C 132 -44.38 -18.07 -19.84
CA THR C 132 -44.57 -17.77 -21.24
C THR C 132 -45.05 -16.33 -21.23
N VAL C 133 -44.50 -15.50 -22.11
CA VAL C 133 -44.96 -14.12 -22.18
C VAL C 133 -45.50 -13.92 -23.59
N ASN C 134 -46.65 -13.26 -23.67
CA ASN C 134 -47.27 -12.97 -24.95
C ASN C 134 -47.60 -11.48 -24.99
N TRP C 135 -47.41 -10.86 -26.14
CA TRP C 135 -47.75 -9.45 -26.25
C TRP C 135 -49.05 -9.32 -27.05
N GLN C 136 -49.74 -8.21 -26.86
CA GLN C 136 -50.97 -7.95 -27.59
C GLN C 136 -51.02 -6.47 -27.87
N HIS C 137 -51.52 -6.14 -29.05
CA HIS C 137 -51.71 -4.77 -29.49
C HIS C 137 -53.21 -4.72 -29.71
N HIS C 138 -53.92 -4.00 -28.83
CA HIS C 138 -55.37 -3.92 -28.92
C HIS C 138 -56.05 -5.28 -29.02
N SER C 139 -55.73 -6.18 -28.10
CA SER C 139 -56.34 -7.52 -28.10
C SER C 139 -55.92 -8.39 -29.28
N VAL C 140 -54.96 -7.92 -30.07
CA VAL C 140 -54.47 -8.67 -31.21
C VAL C 140 -53.07 -9.19 -30.90
N PRO C 141 -52.87 -10.50 -30.99
CA PRO C 141 -51.55 -11.09 -30.72
C PRO C 141 -50.46 -10.50 -31.62
N VAL C 142 -49.36 -10.07 -31.01
CA VAL C 142 -48.24 -9.50 -31.75
C VAL C 142 -46.99 -10.21 -31.25
N GLU C 143 -46.03 -10.47 -32.15
CA GLU C 143 -44.81 -11.18 -31.76
C GLU C 143 -43.73 -10.28 -31.14
N GLY C 144 -43.21 -10.70 -29.99
CA GLY C 144 -42.18 -9.93 -29.31
C GLY C 144 -40.82 -10.01 -30.00
N PHE C 145 -39.93 -9.10 -29.59
CA PHE C 145 -38.58 -9.01 -30.14
C PHE C 145 -37.60 -9.88 -29.34
N GLY C 146 -36.95 -10.82 -30.03
CA GLY C 146 -36.01 -11.67 -29.33
C GLY C 146 -36.65 -12.55 -28.29
N PRO C 147 -35.84 -13.27 -27.50
CA PRO C 147 -36.43 -14.15 -26.50
C PRO C 147 -36.81 -13.48 -25.20
N THR C 148 -37.30 -14.30 -24.28
CA THR C 148 -37.64 -13.84 -22.96
C THR C 148 -36.42 -14.34 -22.22
N PHE C 149 -35.74 -13.44 -21.51
CA PHE C 149 -34.56 -13.82 -20.74
C PHE C 149 -34.91 -14.09 -19.30
N VAL C 150 -34.73 -15.34 -18.88
CA VAL C 150 -34.99 -15.75 -17.51
C VAL C 150 -33.65 -15.78 -16.81
N SER C 151 -33.58 -15.17 -15.64
CA SER C 151 -32.34 -15.14 -14.89
C SER C 151 -32.60 -15.34 -13.41
N ALA C 152 -31.58 -15.82 -12.71
CA ALA C 152 -31.69 -16.04 -11.29
C ALA C 152 -31.17 -14.80 -10.60
N VAL C 153 -31.75 -14.47 -9.44
CA VAL C 153 -31.32 -13.32 -8.66
C VAL C 153 -31.09 -13.75 -7.22
N ASP C 154 -30.35 -12.95 -6.48
CA ASP C 154 -30.05 -13.27 -5.10
C ASP C 154 -31.34 -13.55 -4.30
N GLY C 155 -31.30 -14.58 -3.47
CA GLY C 155 -32.45 -14.93 -2.66
C GLY C 155 -33.26 -16.09 -3.22
N LEU C 156 -32.60 -16.92 -4.03
CA LEU C 156 -33.24 -18.08 -4.63
C LEU C 156 -34.50 -17.69 -5.41
N SER C 157 -34.44 -16.59 -6.13
CA SER C 157 -35.59 -16.13 -6.91
C SER C 157 -35.22 -15.99 -8.38
N PHE C 158 -36.23 -15.67 -9.19
CA PHE C 158 -36.03 -15.52 -10.62
C PHE C 158 -36.77 -14.27 -11.15
N GLN C 159 -36.37 -13.84 -12.34
CA GLN C 159 -36.99 -12.69 -12.99
C GLN C 159 -36.86 -12.94 -14.48
N ALA C 160 -37.56 -12.15 -15.27
CA ALA C 160 -37.49 -12.33 -16.71
C ALA C 160 -37.74 -11.01 -17.40
N PHE C 161 -37.14 -10.85 -18.57
CA PHE C 161 -37.29 -9.66 -19.39
C PHE C 161 -37.71 -10.08 -20.80
N SER C 162 -38.68 -9.35 -21.36
CA SER C 162 -39.17 -9.58 -22.71
C SER C 162 -39.26 -8.20 -23.35
N TYR C 163 -39.08 -8.14 -24.67
CA TYR C 163 -39.10 -6.86 -25.37
C TYR C 163 -39.96 -6.91 -26.62
N LEU C 164 -40.50 -5.75 -26.98
CA LEU C 164 -41.31 -5.59 -28.18
C LEU C 164 -40.95 -4.27 -28.87
N ASN C 165 -40.45 -4.36 -30.11
CA ASN C 165 -40.11 -3.16 -30.85
C ASN C 165 -41.36 -2.61 -31.51
N PHE C 166 -41.54 -1.30 -31.45
CA PHE C 166 -42.72 -0.69 -32.05
C PHE C 166 -42.54 0.81 -32.21
N THR C 167 -43.48 1.43 -32.93
CA THR C 167 -43.48 2.86 -33.14
C THR C 167 -44.79 3.34 -32.55
N PRO C 168 -44.72 3.97 -31.37
CA PRO C 168 -45.93 4.46 -30.71
C PRO C 168 -46.79 5.47 -31.47
N GLU C 169 -48.10 5.32 -31.32
CA GLU C 169 -49.10 6.19 -31.93
C GLU C 169 -50.13 6.51 -30.85
N PRO C 170 -50.71 7.72 -30.89
CA PRO C 170 -51.72 8.20 -29.94
C PRO C 170 -52.80 7.23 -29.49
N SER C 171 -53.27 6.39 -30.39
CA SER C 171 -54.33 5.45 -30.04
C SER C 171 -53.85 4.07 -29.60
N ASP C 172 -52.54 3.91 -29.45
CA ASP C 172 -51.99 2.63 -29.05
C ASP C 172 -52.39 2.18 -27.66
N ILE C 173 -52.48 0.86 -27.51
CA ILE C 173 -52.76 0.20 -26.26
C ILE C 173 -52.09 -1.16 -26.41
N PHE C 174 -51.13 -1.45 -25.55
CA PHE C 174 -50.44 -2.73 -25.59
C PHE C 174 -50.60 -3.44 -24.27
N SER C 175 -50.34 -4.73 -24.29
CA SER C 175 -50.41 -5.50 -23.08
C SER C 175 -49.39 -6.62 -23.13
N CYS C 176 -48.90 -6.98 -21.95
CA CYS C 176 -47.93 -8.04 -21.78
C CYS C 176 -48.69 -9.07 -20.97
N ILE C 177 -48.78 -10.30 -21.46
CA ILE C 177 -49.50 -11.34 -20.74
C ILE C 177 -48.50 -12.38 -20.27
N VAL C 178 -48.46 -12.57 -18.95
CA VAL C 178 -47.54 -13.51 -18.38
C VAL C 178 -48.24 -14.73 -17.79
N THR C 179 -47.90 -15.89 -18.31
CA THR C 179 -48.49 -17.13 -17.85
C THR C 179 -47.49 -17.89 -17.01
N HIS C 180 -47.79 -18.06 -15.73
CA HIS C 180 -46.90 -18.84 -14.89
C HIS C 180 -47.18 -20.23 -15.43
N GLU C 181 -46.35 -20.63 -16.40
CA GLU C 181 -46.49 -21.86 -17.14
C GLU C 181 -47.21 -23.09 -16.62
N ILE C 182 -48.10 -23.51 -17.50
CA ILE C 182 -48.99 -24.63 -17.37
C ILE C 182 -50.17 -24.19 -16.52
N ASP C 183 -50.67 -23.02 -16.90
CA ASP C 183 -51.86 -22.42 -16.32
C ASP C 183 -51.93 -22.30 -14.79
N ARG C 184 -50.81 -22.00 -14.15
CA ARG C 184 -50.81 -21.85 -12.69
C ARG C 184 -51.45 -20.52 -12.33
N TYR C 185 -51.18 -19.52 -13.15
CA TYR C 185 -51.68 -18.16 -12.95
C TYR C 185 -51.35 -17.30 -14.17
N THR C 186 -52.16 -16.29 -14.42
CA THR C 186 -51.94 -15.40 -15.55
C THR C 186 -51.98 -13.95 -15.10
N ALA C 187 -50.93 -13.20 -15.42
CA ALA C 187 -50.86 -11.79 -15.05
C ALA C 187 -50.86 -10.93 -16.32
N ILE C 188 -51.44 -9.74 -16.22
CA ILE C 188 -51.50 -8.85 -17.37
C ILE C 188 -51.18 -7.42 -16.98
N ALA C 189 -50.25 -6.83 -17.71
CA ALA C 189 -49.83 -5.45 -17.49
C ALA C 189 -50.14 -4.67 -18.77
N TYR C 190 -50.78 -3.52 -18.61
CA TYR C 190 -51.13 -2.69 -19.75
C TYR C 190 -50.24 -1.46 -19.90
N TRP C 191 -50.06 -1.03 -21.15
CA TRP C 191 -49.29 0.16 -21.42
C TRP C 191 -50.12 1.04 -22.34
N VAL C 192 -50.17 2.32 -22.01
CA VAL C 192 -50.90 3.30 -22.82
C VAL C 192 -49.99 4.51 -22.95
N PRO C 193 -50.02 5.20 -24.10
CA PRO C 193 -49.20 6.39 -24.33
C PRO C 193 -49.67 7.54 -23.44
N ARG C 194 -48.74 8.17 -22.74
CA ARG C 194 -49.06 9.27 -21.85
C ARG C 194 -47.87 10.20 -21.71
N ASN C 195 -48.11 11.51 -21.75
CA ASN C 195 -47.05 12.50 -21.60
C ASN C 195 -45.94 12.34 -22.63
N ALA C 196 -46.31 12.14 -23.88
CA ALA C 196 -45.31 11.96 -24.92
C ALA C 196 -44.42 13.20 -25.01
N LEU C 197 -43.18 13.01 -25.41
CA LEU C 197 -42.28 14.13 -25.56
C LEU C 197 -42.50 14.69 -26.97
N PRO C 198 -42.74 16.00 -27.08
CA PRO C 198 -42.97 16.65 -28.38
C PRO C 198 -41.82 16.41 -29.36
N SER C 199 -42.15 16.30 -30.64
CA SER C 199 -41.12 16.12 -31.65
C SER C 199 -40.59 17.48 -32.08
N ASP C 200 -39.31 17.54 -32.40
CA ASP C 200 -38.69 18.78 -32.83
C ASP C 200 -39.08 19.05 -34.28
N LEU C 201 -39.74 20.18 -34.50
CA LEU C 201 -40.18 20.58 -35.82
C LEU C 201 -39.05 20.58 -36.86
N LEU C 202 -37.84 20.94 -36.42
CA LEU C 202 -36.68 21.00 -37.31
C LEU C 202 -35.68 19.88 -37.00
N GLU C 203 -36.18 18.78 -36.47
CA GLU C 203 -35.35 17.64 -36.11
C GLU C 203 -34.42 17.18 -37.24
N ASP C 204 -34.88 17.31 -38.48
CA ASP C 204 -34.08 16.89 -39.63
C ASP C 204 -32.80 17.68 -39.86
N TYR C 205 -32.60 18.75 -39.09
CA TYR C 205 -31.39 19.57 -39.24
C TYR C 205 -30.65 19.74 -37.91
N LYS C 206 -31.01 18.94 -36.92
CA LYS C 206 -30.39 18.98 -35.59
C LYS C 206 -30.59 20.34 -34.90
N PHE D 3 -41.16 -29.35 -7.59
CA PHE D 3 -40.11 -28.70 -6.77
C PHE D 3 -39.02 -28.04 -7.63
N VAL D 4 -38.25 -27.16 -6.99
CA VAL D 4 -37.15 -26.48 -7.64
C VAL D 4 -35.95 -26.68 -6.73
N ALA D 5 -34.78 -26.87 -7.32
CA ALA D 5 -33.57 -27.06 -6.52
C ALA D 5 -32.47 -26.16 -7.04
N HIS D 6 -31.55 -25.78 -6.16
CA HIS D 6 -30.44 -24.91 -6.53
C HIS D 6 -29.08 -25.45 -6.14
N VAL D 7 -28.08 -25.14 -6.96
CA VAL D 7 -26.69 -25.49 -6.71
C VAL D 7 -26.02 -24.19 -7.17
N GLU D 8 -26.02 -23.22 -6.27
CA GLU D 8 -25.52 -21.88 -6.53
C GLU D 8 -24.13 -21.52 -6.01
N SER D 9 -23.34 -20.91 -6.88
CA SER D 9 -22.01 -20.48 -6.53
C SER D 9 -21.97 -18.95 -6.66
N THR D 10 -21.25 -18.29 -5.76
CA THR D 10 -21.12 -16.84 -5.83
C THR D 10 -19.67 -16.47 -5.58
N CYS D 11 -19.21 -15.44 -6.26
CA CYS D 11 -17.85 -14.96 -6.12
C CYS D 11 -17.89 -13.45 -5.85
N LEU D 12 -17.15 -13.01 -4.85
CA LEU D 12 -17.07 -11.59 -4.54
C LEU D 12 -15.66 -11.15 -4.92
N LEU D 13 -15.55 -10.26 -5.89
CA LEU D 13 -14.25 -9.77 -6.30
C LEU D 13 -14.29 -8.25 -6.37
N ASP D 14 -13.13 -7.59 -6.27
CA ASP D 14 -13.10 -6.13 -6.33
C ASP D 14 -12.85 -5.69 -7.75
N ASP D 15 -12.78 -4.39 -7.96
CA ASP D 15 -12.55 -3.84 -9.30
C ASP D 15 -11.34 -4.42 -9.99
N ALA D 16 -10.35 -4.83 -9.21
CA ALA D 16 -9.10 -5.38 -9.74
C ALA D 16 -9.15 -6.86 -10.08
N GLY D 17 -10.14 -7.57 -9.56
CA GLY D 17 -10.24 -8.99 -9.86
C GLY D 17 -9.71 -9.85 -8.71
N THR D 18 -9.46 -9.20 -7.57
CA THR D 18 -8.97 -9.91 -6.40
C THR D 18 -10.13 -10.60 -5.69
N PRO D 19 -10.10 -11.93 -5.59
CA PRO D 19 -11.17 -12.67 -4.93
C PRO D 19 -11.23 -12.37 -3.43
N LYS D 20 -12.38 -11.87 -2.97
CA LYS D 20 -12.57 -11.52 -1.57
C LYS D 20 -13.41 -12.56 -0.84
N ASP D 21 -14.29 -13.24 -1.56
CA ASP D 21 -15.13 -14.24 -0.94
C ASP D 21 -15.65 -15.24 -1.97
N PHE D 22 -16.27 -16.32 -1.48
CA PHE D 22 -16.77 -17.36 -2.35
C PHE D 22 -17.73 -18.26 -1.59
N THR D 23 -18.88 -18.58 -2.19
CA THR D 23 -19.84 -19.46 -1.56
C THR D 23 -20.33 -20.52 -2.54
N TYR D 24 -20.82 -21.63 -1.99
CA TYR D 24 -21.34 -22.74 -2.76
C TYR D 24 -22.42 -23.33 -1.88
N CYS D 25 -23.67 -23.11 -2.26
CA CYS D 25 -24.81 -23.58 -1.47
C CYS D 25 -25.85 -24.35 -2.26
N ILE D 26 -26.45 -25.33 -1.59
CA ILE D 26 -27.49 -26.17 -2.18
C ILE D 26 -28.81 -25.84 -1.50
N SER D 27 -29.86 -25.67 -2.31
CA SER D 27 -31.18 -25.34 -1.78
C SER D 27 -32.22 -26.27 -2.40
N PHE D 28 -33.35 -26.39 -1.73
CA PHE D 28 -34.43 -27.22 -2.24
C PHE D 28 -35.75 -26.59 -1.79
N ASN D 29 -36.69 -26.44 -2.72
CA ASN D 29 -37.98 -25.82 -2.43
C ASN D 29 -37.78 -24.41 -1.86
N LYS D 30 -36.80 -23.70 -2.41
CA LYS D 30 -36.47 -22.33 -2.03
C LYS D 30 -36.06 -22.23 -0.56
N ASP D 31 -35.46 -23.31 -0.07
CA ASP D 31 -34.99 -23.40 1.31
C ASP D 31 -33.49 -23.64 1.28
N LEU D 32 -32.70 -22.68 1.78
CA LEU D 32 -31.25 -22.83 1.80
C LEU D 32 -30.94 -23.94 2.81
N LEU D 33 -30.35 -25.03 2.33
CA LEU D 33 -30.07 -26.18 3.18
C LEU D 33 -28.65 -26.38 3.68
N THR D 34 -27.68 -26.32 2.78
CA THR D 34 -26.30 -26.53 3.18
C THR D 34 -25.33 -25.77 2.30
N CYS D 35 -24.31 -25.19 2.91
CA CYS D 35 -23.31 -24.43 2.17
C CYS D 35 -21.93 -24.90 2.59
N TRP D 36 -20.94 -24.55 1.78
CA TRP D 36 -19.56 -24.90 2.07
C TRP D 36 -19.03 -24.06 3.24
N ASP D 37 -18.36 -24.71 4.18
CA ASP D 37 -17.78 -24.00 5.34
C ASP D 37 -16.25 -24.07 5.27
N PRO D 38 -15.62 -23.02 4.72
CA PRO D 38 -14.17 -22.89 4.56
C PRO D 38 -13.32 -23.34 5.74
N GLU D 39 -13.52 -22.72 6.90
CA GLU D 39 -12.75 -23.07 8.09
C GLU D 39 -13.15 -24.42 8.66
N GLU D 40 -13.77 -25.25 7.84
CA GLU D 40 -14.20 -26.58 8.28
C GLU D 40 -14.03 -27.53 7.09
N ASN D 41 -13.83 -26.95 5.91
CA ASN D 41 -13.66 -27.68 4.66
C ASN D 41 -14.67 -28.80 4.42
N LYS D 42 -15.95 -28.44 4.51
CA LYS D 42 -17.01 -29.40 4.28
C LYS D 42 -18.35 -28.69 4.16
N MET D 43 -19.36 -29.42 3.71
CA MET D 43 -20.68 -28.85 3.57
C MET D 43 -21.40 -29.01 4.91
N ALA D 44 -21.85 -27.88 5.46
CA ALA D 44 -22.54 -27.91 6.73
C ALA D 44 -23.95 -27.34 6.62
N PRO D 45 -24.93 -28.03 7.24
CA PRO D 45 -26.33 -27.62 7.23
C PRO D 45 -26.55 -26.17 7.67
N CYS D 46 -27.43 -25.46 6.96
CA CYS D 46 -27.77 -24.08 7.26
C CYS D 46 -29.19 -24.08 7.79
N GLU D 47 -29.95 -25.10 7.43
CA GLU D 47 -31.35 -25.23 7.83
C GLU D 47 -31.51 -26.15 9.03
N PHE D 48 -32.18 -25.65 10.07
CA PHE D 48 -32.38 -26.43 11.28
C PHE D 48 -33.87 -26.59 11.58
N GLY D 49 -34.69 -26.36 10.55
CA GLY D 49 -36.13 -26.51 10.69
C GLY D 49 -36.53 -27.89 10.20
N VAL D 50 -37.71 -27.99 9.58
CA VAL D 50 -38.21 -29.26 9.07
C VAL D 50 -37.26 -30.00 8.12
N LEU D 51 -36.55 -29.26 7.27
CA LEU D 51 -35.64 -29.90 6.32
C LEU D 51 -34.22 -30.06 6.83
N ASN D 52 -34.06 -30.13 8.15
CA ASN D 52 -32.74 -30.30 8.74
C ASN D 52 -32.07 -31.63 8.37
N SER D 53 -32.80 -32.73 8.47
CA SER D 53 -32.23 -34.03 8.13
C SER D 53 -31.80 -34.06 6.67
N LEU D 54 -32.62 -33.49 5.79
CA LEU D 54 -32.29 -33.45 4.36
C LEU D 54 -30.98 -32.67 4.20
N ALA D 55 -30.86 -31.57 4.94
CA ALA D 55 -29.67 -30.73 4.88
C ALA D 55 -28.46 -31.57 5.29
N ASN D 56 -28.64 -32.40 6.30
CA ASN D 56 -27.58 -33.27 6.80
C ASN D 56 -27.19 -34.31 5.75
N VAL D 57 -28.20 -35.00 5.21
CA VAL D 57 -27.97 -36.02 4.20
C VAL D 57 -27.21 -35.45 3.00
N LEU D 58 -27.75 -34.39 2.39
CA LEU D 58 -27.12 -33.77 1.25
C LEU D 58 -25.68 -33.36 1.60
N SER D 59 -25.51 -32.83 2.80
CA SER D 59 -24.19 -32.41 3.25
C SER D 59 -23.28 -33.65 3.18
N GLN D 60 -23.76 -34.74 3.76
CA GLN D 60 -23.04 -36.01 3.79
C GLN D 60 -22.70 -36.48 2.38
N HIS D 61 -23.68 -36.50 1.49
CA HIS D 61 -23.47 -36.93 0.11
C HIS D 61 -22.38 -36.14 -0.59
N LEU D 62 -22.47 -34.81 -0.50
CA LEU D 62 -21.50 -33.94 -1.15
C LEU D 62 -20.10 -34.08 -0.58
N ASN D 63 -19.99 -34.30 0.72
CA ASN D 63 -18.68 -34.44 1.34
C ASN D 63 -17.99 -35.75 0.94
N GLN D 64 -18.76 -36.80 0.69
CA GLN D 64 -18.18 -38.07 0.29
C GLN D 64 -17.57 -37.95 -1.11
N LYS D 65 -17.88 -36.84 -1.78
CA LYS D 65 -17.36 -36.58 -3.13
C LYS D 65 -15.96 -36.01 -2.98
N ASP D 66 -15.01 -36.54 -3.75
CA ASP D 66 -13.63 -36.09 -3.67
C ASP D 66 -13.32 -34.79 -4.42
N THR D 67 -13.59 -34.76 -5.72
CA THR D 67 -13.31 -33.57 -6.52
C THR D 67 -14.05 -32.34 -6.00
N LEU D 68 -15.25 -32.53 -5.49
CA LEU D 68 -16.02 -31.41 -4.97
C LEU D 68 -15.26 -30.73 -3.84
N MET D 69 -14.88 -31.51 -2.82
CA MET D 69 -14.15 -30.96 -1.67
C MET D 69 -12.90 -30.23 -2.15
N GLN D 70 -12.19 -30.83 -3.10
CA GLN D 70 -10.98 -30.22 -3.65
C GLN D 70 -11.32 -28.92 -4.38
N ARG D 71 -12.36 -28.99 -5.21
CA ARG D 71 -12.83 -27.86 -6.00
C ARG D 71 -13.20 -26.66 -5.12
N LEU D 72 -13.99 -26.91 -4.08
CA LEU D 72 -14.44 -25.86 -3.19
C LEU D 72 -13.29 -25.35 -2.32
N ARG D 73 -12.23 -26.15 -2.21
CA ARG D 73 -11.07 -25.76 -1.41
C ARG D 73 -10.32 -24.67 -2.15
N ASN D 74 -10.42 -24.68 -3.48
CA ASN D 74 -9.74 -23.68 -4.31
C ASN D 74 -10.74 -22.70 -4.92
N GLY D 75 -11.97 -22.71 -4.39
CA GLY D 75 -13.01 -21.83 -4.91
C GLY D 75 -12.58 -20.38 -5.08
N LEU D 76 -11.89 -19.84 -4.10
CA LEU D 76 -11.44 -18.46 -4.15
C LEU D 76 -10.55 -18.23 -5.37
N GLN D 77 -9.67 -19.19 -5.65
CA GLN D 77 -8.77 -19.10 -6.80
C GLN D 77 -9.54 -19.27 -8.10
N ASN D 78 -10.47 -20.22 -8.08
CA ASN D 78 -11.31 -20.50 -9.25
C ASN D 78 -12.03 -19.22 -9.68
N CYS D 79 -12.56 -18.50 -8.69
CA CYS D 79 -13.27 -17.25 -8.94
C CYS D 79 -12.50 -16.25 -9.79
N ALA D 80 -11.21 -16.09 -9.50
CA ALA D 80 -10.38 -15.15 -10.23
C ALA D 80 -10.01 -15.67 -11.62
N THR D 81 -9.68 -16.95 -11.71
CA THR D 81 -9.30 -17.55 -12.99
C THR D 81 -10.48 -17.51 -13.97
N HIS D 82 -11.66 -17.89 -13.49
CA HIS D 82 -12.84 -17.90 -14.35
C HIS D 82 -13.29 -16.53 -14.82
N THR D 83 -13.32 -15.55 -13.91
CA THR D 83 -13.75 -14.19 -14.27
C THR D 83 -12.65 -13.35 -14.90
N GLN D 84 -11.42 -13.84 -14.81
CA GLN D 84 -10.24 -13.15 -15.32
C GLN D 84 -10.37 -12.54 -16.72
N PRO D 85 -10.82 -13.32 -17.72
CA PRO D 85 -10.93 -12.76 -19.07
C PRO D 85 -11.90 -11.59 -19.28
N PHE D 86 -12.92 -11.45 -18.44
CA PHE D 86 -13.88 -10.36 -18.63
C PHE D 86 -14.07 -9.39 -17.47
N TRP D 87 -13.70 -9.81 -16.27
CA TRP D 87 -13.88 -8.97 -15.09
C TRP D 87 -13.50 -7.50 -15.23
N GLY D 88 -12.26 -7.26 -15.67
CA GLY D 88 -11.81 -5.90 -15.83
C GLY D 88 -12.69 -5.07 -16.73
N SER D 89 -13.21 -5.68 -17.79
CA SER D 89 -14.07 -4.98 -18.73
C SER D 89 -15.42 -4.64 -18.13
N LEU D 90 -15.81 -5.38 -17.09
CA LEU D 90 -17.09 -5.13 -16.45
C LEU D 90 -17.00 -4.07 -15.36
N THR D 91 -16.02 -4.21 -14.46
CA THR D 91 -15.86 -3.26 -13.36
C THR D 91 -15.49 -1.85 -13.85
N ASN D 92 -15.12 -1.76 -15.12
CA ASN D 92 -14.73 -0.48 -15.72
C ASN D 92 -15.84 0.02 -16.66
N ARG D 93 -16.82 -0.85 -16.94
CA ARG D 93 -17.92 -0.53 -17.84
C ARG D 93 -18.82 0.61 -17.37
N THR D 94 -19.06 1.57 -18.25
CA THR D 94 -19.94 2.70 -17.96
C THR D 94 -20.62 3.13 -19.26
N ARG D 95 -21.81 3.70 -19.13
CA ARG D 95 -22.57 4.19 -20.27
C ARG D 95 -23.20 5.49 -19.82
N PRO D 96 -22.92 6.60 -20.52
CA PRO D 96 -23.46 7.92 -20.19
C PRO D 96 -24.96 7.99 -20.38
N PRO D 97 -25.65 8.75 -19.51
CA PRO D 97 -27.10 8.89 -19.60
C PRO D 97 -27.57 9.94 -20.60
N SER D 98 -28.69 9.67 -21.25
CA SER D 98 -29.28 10.63 -22.17
C SER D 98 -30.29 11.29 -21.26
N VAL D 99 -30.58 12.58 -21.47
CA VAL D 99 -31.55 13.26 -20.63
C VAL D 99 -32.36 14.29 -21.41
N GLN D 100 -33.65 14.35 -21.07
CA GLN D 100 -34.60 15.24 -21.72
C GLN D 100 -35.59 15.75 -20.69
N VAL D 101 -35.97 17.01 -20.80
CA VAL D 101 -36.95 17.58 -19.89
C VAL D 101 -38.18 17.91 -20.70
N ALA D 102 -39.35 17.83 -20.06
CA ALA D 102 -40.61 18.13 -20.73
C ALA D 102 -41.70 18.16 -19.69
N LYS D 103 -42.86 18.67 -20.05
CA LYS D 103 -43.97 18.74 -19.12
C LYS D 103 -44.65 17.39 -18.98
N THR D 104 -45.32 17.19 -17.86
CA THR D 104 -46.04 15.96 -17.60
C THR D 104 -47.26 16.31 -16.78
N THR D 105 -48.26 15.43 -16.78
CA THR D 105 -49.48 15.65 -16.03
C THR D 105 -49.19 15.79 -14.55
N PRO D 106 -49.40 17.00 -14.02
CA PRO D 106 -49.17 17.26 -12.60
C PRO D 106 -50.01 16.27 -11.81
N PHE D 107 -49.52 15.90 -10.64
CA PHE D 107 -50.22 14.98 -9.77
C PHE D 107 -49.64 15.19 -8.40
N ASN D 108 -50.43 14.91 -7.36
CA ASN D 108 -50.00 15.10 -5.98
C ASN D 108 -49.43 16.50 -5.81
N THR D 109 -50.12 17.49 -6.36
CA THR D 109 -49.66 18.88 -6.25
C THR D 109 -50.74 19.89 -6.63
N ARG D 110 -50.51 21.14 -6.24
CA ARG D 110 -51.43 22.23 -6.53
C ARG D 110 -50.89 22.99 -7.74
N GLU D 111 -49.58 22.88 -7.95
CA GLU D 111 -48.92 23.56 -9.07
C GLU D 111 -49.60 23.27 -10.41
N PRO D 112 -49.58 24.25 -11.32
CA PRO D 112 -50.19 24.11 -12.64
C PRO D 112 -49.27 23.40 -13.63
N VAL D 113 -47.98 23.49 -13.38
CA VAL D 113 -47.02 22.87 -14.27
C VAL D 113 -46.14 21.87 -13.53
N MET D 114 -45.57 20.94 -14.28
CA MET D 114 -44.69 19.94 -13.72
C MET D 114 -43.76 19.42 -14.79
N LEU D 115 -42.47 19.63 -14.60
CA LEU D 115 -41.48 19.16 -15.54
C LEU D 115 -41.01 17.77 -15.15
N ALA D 116 -40.55 17.02 -16.15
CA ALA D 116 -40.04 15.69 -15.92
C ALA D 116 -38.69 15.63 -16.59
N CYS D 117 -37.67 15.25 -15.83
CA CYS D 117 -36.35 15.12 -16.39
C CYS D 117 -36.07 13.62 -16.53
N TYR D 118 -36.20 13.15 -17.77
CA TYR D 118 -35.99 11.74 -18.08
C TYR D 118 -34.52 11.43 -18.24
N VAL D 119 -34.07 10.37 -17.58
CA VAL D 119 -32.69 9.96 -17.67
C VAL D 119 -32.69 8.48 -18.03
N TRP D 120 -32.01 8.13 -19.11
CA TRP D 120 -32.01 6.73 -19.54
C TRP D 120 -30.76 6.29 -20.29
N GLY D 121 -30.67 4.99 -20.53
CA GLY D 121 -29.55 4.43 -21.27
C GLY D 121 -28.23 4.38 -20.51
N PHE D 122 -28.26 4.68 -19.22
CA PHE D 122 -27.02 4.69 -18.44
C PHE D 122 -26.65 3.41 -17.68
N TYR D 123 -25.37 3.32 -17.31
CA TYR D 123 -24.81 2.20 -16.58
C TYR D 123 -23.49 2.66 -15.93
N PRO D 124 -23.28 2.37 -14.64
CA PRO D 124 -24.12 1.65 -13.68
C PRO D 124 -25.40 2.40 -13.33
N ALA D 125 -26.15 1.86 -12.37
CA ALA D 125 -27.42 2.41 -11.95
C ALA D 125 -27.35 3.68 -11.08
N GLU D 126 -26.21 3.91 -10.43
CA GLU D 126 -26.04 5.09 -9.57
C GLU D 126 -26.11 6.37 -10.39
N VAL D 127 -26.99 7.27 -10.01
CA VAL D 127 -27.15 8.54 -10.72
C VAL D 127 -27.75 9.60 -9.79
N THR D 128 -27.32 10.85 -9.94
CA THR D 128 -27.84 11.93 -9.11
C THR D 128 -28.45 13.03 -9.99
N ILE D 129 -29.61 13.54 -9.59
CA ILE D 129 -30.29 14.57 -10.35
C ILE D 129 -30.79 15.69 -9.46
N THR D 130 -30.52 16.93 -9.89
CA THR D 130 -30.96 18.12 -9.14
C THR D 130 -31.47 19.19 -10.10
N TRP D 131 -32.35 20.06 -9.60
CA TRP D 131 -32.91 21.13 -10.41
C TRP D 131 -32.33 22.50 -10.04
N ARG D 132 -32.37 23.41 -11.00
CA ARG D 132 -31.86 24.75 -10.79
C ARG D 132 -32.72 25.77 -11.52
N LYS D 133 -33.25 26.73 -10.77
CA LYS D 133 -34.10 27.79 -11.33
C LYS D 133 -33.24 29.02 -11.61
N ASN D 134 -32.87 29.17 -12.89
CA ASN D 134 -32.01 30.26 -13.34
C ASN D 134 -30.58 30.07 -12.86
N GLY D 135 -30.35 28.97 -12.14
CA GLY D 135 -29.03 28.68 -11.64
C GLY D 135 -29.02 28.53 -10.13
N LYS D 136 -30.18 28.23 -9.55
CA LYS D 136 -30.27 28.08 -8.10
C LYS D 136 -30.99 26.80 -7.68
N LEU D 137 -30.41 26.10 -6.72
CA LEU D 137 -30.97 24.84 -6.22
C LEU D 137 -32.39 25.00 -5.68
N VAL D 138 -33.30 24.18 -6.18
CA VAL D 138 -34.68 24.21 -5.72
C VAL D 138 -35.04 22.83 -5.18
N MET D 139 -35.95 22.79 -4.20
CA MET D 139 -36.37 21.53 -3.58
C MET D 139 -35.20 20.88 -2.85
N PRO D 140 -34.61 21.60 -1.88
CA PRO D 140 -33.47 21.11 -1.11
C PRO D 140 -33.73 19.79 -0.38
N HIS D 141 -34.95 19.63 0.12
CA HIS D 141 -35.32 18.43 0.86
C HIS D 141 -35.75 17.26 -0.03
N SER D 142 -35.12 17.14 -1.19
CA SER D 142 -35.42 16.05 -2.10
C SER D 142 -34.24 15.09 -2.17
N SER D 143 -34.54 13.80 -2.35
CA SER D 143 -33.51 12.77 -2.45
C SER D 143 -32.88 12.83 -3.84
N ALA D 144 -31.69 13.43 -3.93
CA ALA D 144 -30.98 13.57 -5.22
C ALA D 144 -30.47 12.23 -5.76
N HIS D 145 -30.38 11.24 -4.87
CA HIS D 145 -29.92 9.90 -5.20
C HIS D 145 -31.13 9.09 -5.67
N LYS D 146 -31.37 9.09 -6.97
CA LYS D 146 -32.51 8.41 -7.55
C LYS D 146 -32.37 6.90 -7.67
N THR D 147 -33.46 6.17 -7.41
CA THR D 147 -33.46 4.72 -7.57
C THR D 147 -33.76 4.53 -9.05
N ALA D 148 -33.14 3.52 -9.67
CA ALA D 148 -33.32 3.31 -11.10
C ALA D 148 -33.90 1.97 -11.51
N GLN D 149 -34.71 2.00 -12.57
CA GLN D 149 -35.34 0.80 -13.10
C GLN D 149 -34.41 0.14 -14.12
N PRO D 150 -34.10 -1.14 -13.93
CA PRO D 150 -33.22 -1.81 -14.88
C PRO D 150 -34.00 -2.16 -16.14
N ASN D 151 -33.36 -2.06 -17.30
CA ASN D 151 -34.04 -2.42 -18.54
C ASN D 151 -33.76 -3.86 -18.92
N GLY D 152 -32.86 -4.50 -18.19
CA GLY D 152 -32.51 -5.88 -18.46
C GLY D 152 -31.39 -6.04 -19.48
N ASP D 153 -31.04 -4.96 -20.18
CA ASP D 153 -29.99 -5.01 -21.19
C ASP D 153 -28.72 -4.25 -20.79
N TRP D 154 -28.51 -4.14 -19.47
CA TRP D 154 -27.35 -3.42 -18.95
C TRP D 154 -27.44 -1.90 -19.09
N THR D 155 -28.67 -1.39 -19.09
CA THR D 155 -28.92 0.06 -19.12
C THR D 155 -30.04 0.28 -18.10
N TYR D 156 -30.10 1.50 -17.57
CA TYR D 156 -31.11 1.83 -16.58
C TYR D 156 -31.79 3.14 -16.95
N GLN D 157 -32.86 3.44 -16.22
CA GLN D 157 -33.59 4.68 -16.45
C GLN D 157 -34.27 5.13 -15.17
N THR D 158 -34.48 6.43 -15.03
CA THR D 158 -35.14 7.00 -13.88
C THR D 158 -35.63 8.38 -14.29
N LEU D 159 -36.34 9.03 -13.40
CA LEU D 159 -36.86 10.37 -13.67
C LEU D 159 -37.06 11.16 -12.39
N SER D 160 -37.07 12.47 -12.56
CA SER D 160 -37.27 13.41 -11.48
C SER D 160 -38.32 14.43 -11.92
N HIS D 161 -39.20 14.82 -11.01
CA HIS D 161 -40.23 15.80 -11.33
C HIS D 161 -39.98 17.11 -10.60
N LEU D 162 -40.54 18.19 -11.12
CA LEU D 162 -40.41 19.50 -10.52
C LEU D 162 -41.70 20.28 -10.75
N ALA D 163 -42.52 20.39 -9.72
CA ALA D 163 -43.79 21.12 -9.83
C ALA D 163 -43.49 22.61 -9.71
N LEU D 164 -43.84 23.38 -10.74
CA LEU D 164 -43.56 24.81 -10.74
C LEU D 164 -44.65 25.72 -11.32
N THR D 165 -44.26 26.97 -11.54
CA THR D 165 -45.10 28.02 -12.13
C THR D 165 -44.20 28.92 -12.96
N PRO D 166 -44.23 28.75 -14.29
CA PRO D 166 -43.42 29.50 -15.26
C PRO D 166 -43.72 31.01 -15.33
N SER D 167 -42.70 31.79 -15.67
CA SER D 167 -42.84 33.24 -15.79
C SER D 167 -42.00 33.78 -16.95
N TYR D 168 -41.85 32.95 -17.98
CA TYR D 168 -41.09 33.27 -19.18
C TYR D 168 -39.71 33.92 -19.01
N GLY D 169 -39.41 34.40 -17.82
CA GLY D 169 -38.13 35.03 -17.58
C GLY D 169 -37.30 33.99 -16.85
N ASP D 170 -37.96 32.90 -16.45
CA ASP D 170 -37.28 31.84 -15.73
C ASP D 170 -36.84 30.70 -16.65
N THR D 171 -35.63 30.21 -16.42
CA THR D 171 -35.08 29.10 -17.20
C THR D 171 -34.72 28.02 -16.21
N TYR D 172 -35.38 26.87 -16.32
CA TYR D 172 -35.10 25.77 -15.41
C TYR D 172 -34.15 24.78 -16.04
N THR D 173 -33.22 24.28 -15.25
CA THR D 173 -32.25 23.32 -15.74
C THR D 173 -32.23 22.05 -14.90
N CYS D 174 -32.07 20.92 -15.57
CA CYS D 174 -31.99 19.63 -14.90
C CYS D 174 -30.51 19.29 -14.87
N VAL D 175 -29.98 18.96 -13.69
CA VAL D 175 -28.56 18.65 -13.56
C VAL D 175 -28.35 17.16 -13.26
N VAL D 176 -27.75 16.45 -14.20
CA VAL D 176 -27.52 15.02 -14.04
C VAL D 176 -26.06 14.66 -13.91
N GLU D 177 -25.74 13.92 -12.86
CA GLU D 177 -24.36 13.47 -12.65
C GLU D 177 -24.28 11.95 -12.67
N HIS D 178 -23.42 11.44 -13.54
CA HIS D 178 -23.24 10.00 -13.68
C HIS D 178 -21.78 9.68 -13.97
N ILE D 179 -21.25 8.65 -13.31
CA ILE D 179 -19.86 8.29 -13.50
C ILE D 179 -19.52 7.97 -14.97
N GLY D 180 -20.55 7.86 -15.80
CA GLY D 180 -20.31 7.56 -17.19
C GLY D 180 -20.03 8.82 -17.99
N ALA D 181 -20.40 9.96 -17.41
CA ALA D 181 -20.19 11.26 -18.04
C ALA D 181 -19.20 12.07 -17.21
N PRO D 182 -18.04 12.40 -17.80
CA PRO D 182 -17.01 13.18 -17.09
C PRO D 182 -17.53 14.52 -16.57
N GLU D 183 -18.24 15.25 -17.42
CA GLU D 183 -18.78 16.55 -17.04
C GLU D 183 -20.29 16.46 -16.86
N PRO D 184 -20.83 17.13 -15.83
CA PRO D 184 -22.28 17.10 -15.57
C PRO D 184 -23.06 17.34 -16.87
N ILE D 185 -24.29 16.85 -16.91
CA ILE D 185 -25.13 17.00 -18.09
C ILE D 185 -26.27 17.96 -17.75
N LEU D 186 -26.32 19.10 -18.43
CA LEU D 186 -27.36 20.08 -18.18
C LEU D 186 -28.38 20.08 -19.30
N ARG D 187 -29.65 20.22 -18.93
CA ARG D 187 -30.73 20.26 -19.90
C ARG D 187 -31.72 21.31 -19.43
N ASP D 188 -31.89 22.35 -20.24
CA ASP D 188 -32.78 23.47 -19.91
C ASP D 188 -34.18 23.37 -20.49
N TRP D 189 -35.10 24.10 -19.87
CA TRP D 189 -36.48 24.13 -20.32
C TRP D 189 -36.99 25.57 -20.24
N THR D 190 -37.73 25.99 -21.26
CA THR D 190 -38.31 27.33 -21.32
C THR D 190 -39.76 27.20 -21.77
N PRO D 191 -40.66 28.00 -21.18
CA PRO D 191 -42.09 27.97 -21.52
C PRO D 191 -42.47 28.22 -22.99
N GLY D 192 -41.59 28.86 -23.75
CA GLY D 192 -41.90 29.17 -25.14
C GLY D 192 -41.79 28.09 -26.22
N LEU D 193 -41.19 26.96 -25.89
CA LEU D 193 -40.98 25.86 -26.85
C LEU D 193 -42.06 25.40 -27.84
N SER D 194 -43.28 25.21 -27.35
CA SER D 194 -44.42 24.73 -28.14
C SER D 194 -44.63 24.94 -29.67
N PRO D 195 -44.42 26.17 -30.19
CA PRO D 195 -44.65 26.33 -31.64
C PRO D 195 -43.69 25.58 -32.57
N MET D 196 -42.53 25.17 -32.05
CA MET D 196 -41.57 24.44 -32.86
C MET D 196 -41.58 22.95 -32.55
N GLN D 197 -42.74 22.45 -32.14
CA GLN D 197 -42.90 21.03 -31.80
C GLN D 197 -44.20 20.50 -32.44
N THR D 198 -44.16 19.25 -32.90
CA THR D 198 -45.34 18.65 -33.55
C THR D 198 -45.52 17.14 -33.33
N LEU D 199 -46.27 16.53 -34.25
CA LEU D 199 -46.59 15.09 -34.26
C LEU D 199 -47.52 14.69 -33.12
C1 NAG E . 50.24 9.89 27.00
C2 NAG E . 50.79 10.89 28.04
C3 NAG E . 51.93 10.29 28.87
C4 NAG E . 51.66 8.82 29.23
C5 NAG E . 51.39 7.99 27.95
C6 NAG E . 50.18 7.06 28.08
C7 NAG E . 50.41 13.09 27.13
C8 NAG E . 50.95 14.29 26.37
N2 NAG E . 51.26 12.08 27.37
O3 NAG E . 52.04 11.04 30.07
O4 NAG E . 52.81 8.26 29.90
O5 NAG E . 51.17 8.83 26.78
O6 NAG E . 50.16 6.42 29.36
O7 NAG E . 49.23 13.07 27.51
C1 NDG E . 53.12 8.49 31.25
C2 NDG E . 53.32 7.15 31.96
C3 NDG E . 52.87 7.22 33.43
C4 NDG E . 53.23 8.60 33.98
C5 NDG E . 52.42 9.67 33.23
C6 NDG E . 53.19 10.98 33.08
C7 NDG E . 53.18 4.97 30.95
C8 NDG E . 54.25 5.02 29.87
O5 NDG E . 52.06 9.23 31.88
O3 NDG E . 53.51 6.20 34.18
O4 NDG E . 52.94 8.66 35.40
O6 NDG E . 52.59 12.00 33.87
O7 NDG E . 52.90 3.90 31.48
N2 NDG E . 52.58 6.10 31.28
C1 BMA E . 53.96 8.32 36.28
C2 BMA E . 53.91 9.23 37.53
C3 BMA E . 54.95 8.76 38.57
C4 BMA E . 54.76 7.27 38.86
C5 BMA E . 54.79 6.46 37.57
C6 BMA E . 54.53 4.99 37.81
O2 BMA E . 52.61 9.20 38.11
O3 BMA E . 54.81 9.50 39.80
O4 BMA E . 55.78 6.82 39.75
O5 BMA E . 53.77 6.94 36.67
O6 BMA E . 53.40 4.80 38.67
C1 BMA E . 54.82 10.90 39.69
C2 BMA E . 54.34 11.52 41.00
C3 BMA E . 54.24 13.04 40.81
C4 BMA E . 55.54 13.63 40.27
C5 BMA E . 56.10 12.83 39.08
C6 BMA E . 57.55 13.22 38.77
O2 BMA E . 55.26 11.22 42.05
O3 BMA E . 53.92 13.63 42.06
O4 BMA E . 55.30 14.97 39.85
O5 BMA E . 56.10 11.42 39.37
O6 BMA E . 58.38 13.12 39.92
C1 NAG F . -16.06 -6.55 0.44
C2 NAG F . -15.48 -5.63 1.53
C3 NAG F . -14.51 -6.36 2.46
C4 NAG F . -14.98 -7.79 2.77
C5 NAG F . -15.22 -8.58 1.46
C6 NAG F . -16.52 -9.36 1.45
C7 NAG F . -15.51 -3.39 0.63
C8 NAG F . -14.76 -2.25 -0.02
N2 NAG F . -14.81 -4.49 0.92
O3 NAG F . -14.43 -5.63 3.67
O4 NAG F . -13.97 -8.48 3.53
O5 NAG F . -15.24 -7.71 0.28
O6 NAG F . -16.74 -10.00 2.70
O7 NAG F . -16.72 -3.28 0.87
C1 NDG F . -13.78 -8.31 4.91
C2 NDG F . -13.80 -9.68 5.62
C3 NDG F . -14.38 -9.55 7.04
C4 NDG F . -13.93 -8.23 7.66
C5 NDG F . -14.52 -7.07 6.84
C6 NDG F . -13.61 -5.86 6.81
C7 NDG F . -14.10 -11.81 4.54
C8 NDG F . -12.93 -11.87 3.57
O5 NDG F . -14.79 -7.45 5.46
O3 NDG F . -13.92 -10.64 7.83
O4 NDG F . -14.33 -8.15 9.03
O6 NDG F . -14.15 -4.78 7.55
O7 NDG F . -14.56 -12.85 5.02
N2 NDG F . -14.59 -10.61 4.84
C1 BMA F . -13.45 -8.61 9.99
C2 BMA F . -13.49 -7.71 11.24
C3 BMA F . -12.61 -8.32 12.37
C4 BMA F . -13.02 -9.76 12.62
C5 BMA F . -12.96 -10.56 11.33
C6 BMA F . -13.42 -11.99 11.51
O2 BMA F . -14.83 -7.58 11.68
O3 BMA F . -12.78 -7.57 13.59
O4 BMA F . -12.14 -10.34 13.58
O5 BMA F . -13.83 -9.96 10.33
O6 BMA F . -14.62 -12.06 12.26
C1 BMA F . -12.59 -6.18 13.52
C2 BMA F . -13.11 -5.52 14.79
C3 BMA F . -13.02 -3.99 14.62
C4 BMA F . -11.61 -3.56 14.20
C5 BMA F . -11.04 -4.42 13.05
C6 BMA F . -9.55 -4.20 12.88
O2 BMA F . -12.35 -5.93 15.90
O3 BMA F . -13.38 -3.37 15.84
O4 BMA F . -11.65 -2.21 13.77
O5 BMA F . -11.24 -5.82 13.32
O6 BMA F . -8.85 -4.40 14.11
CL CL G . 48.48 -4.45 15.15
CL CL H . 34.97 23.90 28.81
CL CL I . -17.65 -21.12 -11.50
CL CL J . -30.68 8.19 0.58
#